data_3OZG
#
_entry.id   3OZG
#
_cell.length_a   105.095
_cell.length_b   110.628
_cell.length_c   173.336
_cell.angle_alpha   90.00
_cell.angle_beta   90.00
_cell.angle_gamma   90.00
#
_symmetry.space_group_name_H-M   'C 2 2 21'
#
loop_
_entity.id
_entity.type
_entity.pdbx_description
1 polymer 'Hypoxanthine-guanine-xanthine phosphoribosyltransferase'
2 non-polymer '[(3S)-4-hydroxy-3-{[(4-oxo-4,5-dihydro-3H-pyrrolo[3,2-d]pyrimidin-7-yl)methyl]amino}butyl]phosphonic acid'
3 non-polymer 'PYROPHOSPHATE 2-'
4 non-polymer 'MAGNESIUM ION'
5 water water
#
_entity_poly.entity_id   1
_entity_poly.type   'polypeptide(L)'
_entity_poly.pdbx_seq_one_letter_code
;MGGSHHHHHHGGLVPRGSHMPIPNNPGAGENAFDPVFVNDDDGYDLDSFMIPAHYKKYLTKVLVPNGVIKNRIEKLAYDI
KKVYNNEEFHILCLLKGSRGFFTALLKHLSRIHNYSAVETSKPLFGEHYVRVKSYCNDQSTGTLEIVSEDLSCLKGKHVL
IVEDIIDTGKTLVKFCEYLKKFEIKTVAIACLFIKRTPLWNGFKADFVGFSIPDHFVVGYSLDYNEIFRDLDHCCLVNDE
GKKKYKATSL
;
_entity_poly.pdbx_strand_id   A,B,C,D
#
loop_
_chem_comp.id
_chem_comp.type
_chem_comp.name
_chem_comp.formula
MG non-polymer 'MAGNESIUM ION' 'Mg 2'
POP non-polymer 'PYROPHOSPHATE 2-' 'H2 O7 P2 -2'
SSI non-polymer '[(3S)-4-hydroxy-3-{[(4-oxo-4,5-dihydro-3H-pyrrolo[3,2-d]pyrimidin-7-yl)methyl]amino}butyl]phosphonic acid' 'C11 H17 N4 O5 P'
#
# COMPACT_ATOMS: atom_id res chain seq x y z
N PRO A 21 -14.07 11.33 13.35
CA PRO A 21 -12.67 11.71 13.06
C PRO A 21 -12.57 12.62 11.84
N ILE A 22 -12.10 13.84 12.06
CA ILE A 22 -11.88 14.77 10.94
C ILE A 22 -10.80 14.22 10.01
N PRO A 23 -11.10 14.10 8.70
CA PRO A 23 -10.10 13.57 7.76
C PRO A 23 -8.84 14.42 7.67
N ASN A 24 -7.70 13.78 7.44
CA ASN A 24 -6.42 14.47 7.33
C ASN A 24 -5.38 13.66 6.59
N ASN A 25 -5.75 13.12 5.44
CA ASN A 25 -4.81 12.42 4.57
C ASN A 25 -5.25 12.71 3.13
N PRO A 26 -5.01 13.94 2.65
CA PRO A 26 -5.56 14.38 1.34
C PRO A 26 -5.18 13.41 0.21
N GLY A 27 -6.18 12.89 -0.49
CA GLY A 27 -5.93 12.03 -1.64
C GLY A 27 -6.23 10.59 -1.33
N ALA A 28 -6.31 10.24 -0.04
CA ALA A 28 -6.57 8.85 0.37
C ALA A 28 -8.07 8.56 0.51
N GLY A 29 -8.83 9.57 0.93
CA GLY A 29 -10.26 9.40 1.19
C GLY A 29 -10.48 8.27 2.16
N GLU A 30 -9.68 8.22 3.22
CA GLU A 30 -9.63 7.07 4.15
C GLU A 30 -10.97 6.45 4.54
N ASN A 31 -11.92 7.27 4.97
CA ASN A 31 -13.21 6.71 5.38
C ASN A 31 -14.42 7.22 4.60
N ALA A 32 -14.21 7.64 3.35
CA ALA A 32 -15.27 8.22 2.54
C ALA A 32 -16.43 7.27 2.21
N PHE A 33 -17.65 7.75 2.33
CA PHE A 33 -18.81 6.98 1.83
C PHE A 33 -18.77 6.96 0.30
N ASP A 34 -19.27 5.89 -0.31
CA ASP A 34 -19.44 5.80 -1.78
C ASP A 34 -20.29 6.93 -2.33
N PRO A 35 -19.94 7.42 -3.53
CA PRO A 35 -20.75 8.42 -4.21
C PRO A 35 -21.97 7.79 -4.85
N VAL A 36 -22.92 8.62 -5.26
CA VAL A 36 -23.92 8.13 -6.21
C VAL A 36 -23.19 7.67 -7.49
N PHE A 37 -23.43 6.43 -7.89
CA PHE A 37 -22.81 5.95 -9.10
C PHE A 37 -23.69 6.29 -10.30
N VAL A 38 -23.14 7.09 -11.21
CA VAL A 38 -23.82 7.45 -12.45
C VAL A 38 -23.24 6.57 -13.57
N ASN A 39 -24.06 5.66 -14.11
CA ASN A 39 -23.54 4.63 -15.05
C ASN A 39 -23.14 5.23 -16.40
N ASP A 40 -22.45 4.43 -17.21
CA ASP A 40 -21.93 4.88 -18.49
C ASP A 40 -23.06 5.33 -19.41
N ASP A 41 -24.18 4.62 -19.37
CA ASP A 41 -25.29 4.95 -20.25
C ASP A 41 -26.39 5.78 -19.56
N ASP A 42 -26.12 6.30 -18.36
CA ASP A 42 -27.15 7.05 -17.63
C ASP A 42 -27.37 8.47 -18.19
N GLY A 43 -28.52 9.08 -17.83
CA GLY A 43 -28.85 10.41 -18.32
C GLY A 43 -30.25 10.51 -18.92
N TYR A 44 -30.55 11.66 -19.53
CA TYR A 44 -31.91 12.02 -19.96
C TYR A 44 -31.84 12.79 -21.25
N ASP A 45 -32.92 12.75 -22.03
CA ASP A 45 -33.02 13.49 -23.27
C ASP A 45 -33.03 14.96 -22.93
N LEU A 46 -32.48 15.78 -23.82
CA LEU A 46 -32.59 17.24 -23.65
C LEU A 46 -34.05 17.71 -23.51
N ASP A 47 -34.97 17.01 -24.14
CA ASP A 47 -36.38 17.43 -24.08
C ASP A 47 -37.11 17.02 -22.80
N SER A 48 -36.41 16.37 -21.87
CA SER A 48 -37.04 15.96 -20.62
C SER A 48 -37.08 17.11 -19.63
N PHE A 49 -36.18 18.08 -19.78
CA PHE A 49 -36.06 19.18 -18.82
C PHE A 49 -35.95 20.52 -19.52
N MET A 50 -36.03 21.60 -18.75
CA MET A 50 -35.75 22.96 -19.26
C MET A 50 -34.28 23.15 -19.62
N ILE A 51 -34.03 23.57 -20.86
CA ILE A 51 -32.68 23.86 -21.36
C ILE A 51 -32.72 25.18 -22.09
N PRO A 52 -31.77 26.09 -21.80
CA PRO A 52 -31.70 27.33 -22.60
C PRO A 52 -31.71 26.98 -24.08
N ALA A 53 -32.69 27.52 -24.81
CA ALA A 53 -32.92 27.14 -26.22
C ALA A 53 -31.64 27.17 -27.06
N HIS A 54 -30.83 28.21 -26.89
CA HIS A 54 -29.57 28.36 -27.62
C HIS A 54 -28.47 27.36 -27.24
N TYR A 55 -28.52 26.86 -26.00
CA TYR A 55 -27.55 25.85 -25.59
C TYR A 55 -27.82 24.47 -26.14
N LYS A 56 -29.08 24.22 -26.51
CA LYS A 56 -29.52 22.88 -26.88
C LYS A 56 -28.74 22.18 -28.03
N LYS A 57 -28.31 22.93 -29.05
CA LYS A 57 -27.52 22.37 -30.15
C LYS A 57 -26.10 21.96 -29.75
N TYR A 58 -25.64 22.46 -28.61
CA TYR A 58 -24.27 22.19 -28.19
C TYR A 58 -24.16 21.11 -27.11
N LEU A 59 -25.28 20.45 -26.80
CA LEU A 59 -25.34 19.49 -25.70
C LEU A 59 -25.80 18.15 -26.24
N THR A 60 -25.20 17.06 -25.82
CA THR A 60 -25.75 15.76 -26.30
C THR A 60 -26.92 15.25 -25.44
N LYS A 61 -26.77 15.27 -24.11
CA LYS A 61 -27.86 14.89 -23.22
C LYS A 61 -27.66 15.47 -21.83
N VAL A 62 -28.65 15.40 -20.95
CA VAL A 62 -28.45 15.74 -19.54
C VAL A 62 -27.84 14.56 -18.84
N LEU A 63 -26.78 14.78 -18.08
CA LEU A 63 -26.20 13.71 -17.26
C LEU A 63 -26.85 13.59 -15.89
N VAL A 64 -26.81 14.69 -15.13
CA VAL A 64 -27.35 14.74 -13.79
C VAL A 64 -28.11 16.06 -13.67
N PRO A 65 -29.44 15.98 -13.51
CA PRO A 65 -30.31 17.15 -13.36
C PRO A 65 -29.94 18.01 -12.15
N ASN A 66 -30.15 19.32 -12.28
CA ASN A 66 -29.95 20.27 -11.18
C ASN A 66 -30.49 19.74 -9.84
N GLY A 67 -31.70 19.20 -9.87
CA GLY A 67 -32.38 18.79 -8.65
C GLY A 67 -31.73 17.66 -7.86
N VAL A 68 -31.22 16.64 -8.57
CA VAL A 68 -30.47 15.58 -7.92
C VAL A 68 -29.18 16.12 -7.33
N ILE A 69 -28.52 17.02 -8.06
CA ILE A 69 -27.33 17.68 -7.55
C ILE A 69 -27.65 18.37 -6.23
N LYS A 70 -28.70 19.17 -6.18
CA LYS A 70 -29.05 19.84 -4.91
C LYS A 70 -29.39 18.85 -3.78
N ASN A 71 -30.22 17.85 -4.09
CA ASN A 71 -30.56 16.80 -3.13
C ASN A 71 -29.32 16.05 -2.63
N ARG A 72 -28.37 15.80 -3.52
CA ARG A 72 -27.15 15.12 -3.13
C ARG A 72 -26.24 16.00 -2.27
N ILE A 73 -26.09 17.27 -2.67
CA ILE A 73 -25.30 18.22 -1.88
C ILE A 73 -25.88 18.34 -0.48
N GLU A 74 -27.19 18.26 -0.36
CA GLU A 74 -27.80 18.39 0.97
C GLU A 74 -27.30 17.32 1.93
N LYS A 75 -27.18 16.10 1.40
CA LYS A 75 -26.75 14.96 2.18
C LYS A 75 -25.26 15.09 2.49
N LEU A 76 -24.50 15.59 1.53
CA LEU A 76 -23.08 15.85 1.78
C LEU A 76 -22.92 16.78 2.96
N ALA A 77 -23.70 17.85 2.97
CA ALA A 77 -23.64 18.82 4.06
C ALA A 77 -23.90 18.10 5.40
N TYR A 78 -24.96 17.29 5.43
CA TYR A 78 -25.23 16.40 6.56
C TYR A 78 -24.06 15.45 6.91
N ASP A 79 -23.47 14.81 5.90
CA ASP A 79 -22.32 13.95 6.14
C ASP A 79 -21.22 14.76 6.80
N ILE A 80 -20.94 15.94 6.24
CA ILE A 80 -19.91 16.86 6.73
C ILE A 80 -20.20 17.30 8.15
N LYS A 81 -21.42 17.78 8.38
CA LYS A 81 -21.83 18.20 9.71
C LYS A 81 -21.60 17.09 10.76
N LYS A 82 -21.92 15.85 10.38
CA LYS A 82 -21.80 14.68 11.26
C LYS A 82 -20.33 14.43 11.62
N VAL A 83 -19.40 14.73 10.72
CA VAL A 83 -17.98 14.49 11.03
C VAL A 83 -17.43 15.57 11.94
N TYR A 84 -17.62 16.80 11.50
CA TYR A 84 -17.11 17.95 12.23
C TYR A 84 -17.86 18.25 13.54
N ASN A 85 -19.07 17.73 13.64
CA ASN A 85 -19.98 18.06 14.72
C ASN A 85 -19.94 19.57 14.99
N ASN A 86 -19.26 19.97 16.06
CA ASN A 86 -19.18 21.41 16.37
C ASN A 86 -17.80 22.07 16.24
N GLU A 87 -16.82 21.33 15.72
CA GLU A 87 -15.47 21.90 15.54
C GLU A 87 -15.45 22.95 14.42
N GLU A 88 -14.89 24.12 14.73
CA GLU A 88 -14.61 25.18 13.74
C GLU A 88 -13.77 24.61 12.58
N PHE A 89 -14.28 24.75 11.36
CA PHE A 89 -13.50 24.50 10.17
C PHE A 89 -13.65 25.66 9.17
N HIS A 90 -12.82 25.61 8.14
CA HIS A 90 -12.68 26.68 7.18
C HIS A 90 -12.83 26.13 5.78
N ILE A 91 -13.85 26.64 5.08
CA ILE A 91 -14.24 26.13 3.78
C ILE A 91 -13.61 26.93 2.64
N LEU A 92 -12.89 26.24 1.74
CA LEU A 92 -12.23 26.89 0.60
C LEU A 92 -12.95 26.55 -0.67
N CYS A 93 -13.46 27.58 -1.33
CA CYS A 93 -14.14 27.40 -2.61
C CYS A 93 -13.12 27.57 -3.73
N LEU A 94 -12.94 26.50 -4.50
CA LEU A 94 -12.03 26.50 -5.63
C LEU A 94 -12.69 27.06 -6.90
N LEU A 95 -12.52 28.36 -7.10
CA LEU A 95 -13.18 29.16 -8.15
C LEU A 95 -12.54 28.89 -9.48
N LYS A 96 -13.27 29.06 -10.60
CA LYS A 96 -14.69 29.45 -10.69
C LYS A 96 -15.68 28.31 -10.62
N GLY A 97 -15.27 27.10 -11.02
CA GLY A 97 -16.21 26.00 -11.24
C GLY A 97 -16.94 25.44 -10.02
N SER A 98 -16.33 25.52 -8.84
CA SER A 98 -16.97 24.95 -7.66
CA SER A 98 -16.91 24.99 -7.61
C SER A 98 -17.93 25.93 -6.99
N ARG A 99 -18.17 27.07 -7.63
CA ARG A 99 -19.05 28.04 -7.02
C ARG A 99 -20.48 27.50 -6.74
N GLY A 100 -21.13 26.90 -7.74
CA GLY A 100 -22.47 26.35 -7.54
C GLY A 100 -22.51 25.36 -6.38
N PHE A 101 -21.59 24.42 -6.40
CA PHE A 101 -21.45 23.42 -5.34
C PHE A 101 -21.33 24.03 -3.94
N PHE A 102 -20.49 25.05 -3.86
CA PHE A 102 -20.08 25.70 -2.66
C PHE A 102 -21.23 26.49 -2.03
N THR A 103 -21.97 27.23 -2.85
CA THR A 103 -23.13 27.97 -2.37
C THR A 103 -24.23 27.00 -1.88
N ALA A 104 -24.43 25.91 -2.61
CA ALA A 104 -25.42 24.91 -2.23
C ALA A 104 -25.03 24.26 -0.93
N LEU A 105 -23.75 23.87 -0.84
CA LEU A 105 -23.22 23.21 0.36
C LEU A 105 -23.34 24.13 1.57
N LEU A 106 -22.94 25.39 1.41
CA LEU A 106 -23.09 26.35 2.49
C LEU A 106 -24.53 26.50 2.96
N LYS A 107 -25.45 26.65 2.02
CA LYS A 107 -26.86 26.81 2.35
C LYS A 107 -27.29 25.68 3.27
N HIS A 108 -26.99 24.46 2.84
CA HIS A 108 -27.48 23.30 3.54
C HIS A 108 -26.80 23.12 4.90
N LEU A 109 -25.47 23.28 4.93
CA LEU A 109 -24.71 23.21 6.17
C LEU A 109 -25.23 24.20 7.21
N SER A 110 -25.42 25.45 6.81
CA SER A 110 -25.95 26.45 7.72
C SER A 110 -27.31 26.05 8.27
N ARG A 111 -28.25 25.62 7.41
CA ARG A 111 -29.58 25.24 7.87
C ARG A 111 -29.55 24.04 8.81
N ILE A 112 -28.77 23.03 8.46
CA ILE A 112 -28.65 21.88 9.30
C ILE A 112 -28.03 22.27 10.67
N HIS A 113 -26.95 23.03 10.64
CA HIS A 113 -26.29 23.44 11.87
C HIS A 113 -27.20 24.35 12.70
N ASN A 114 -27.82 25.33 12.05
CA ASN A 114 -28.59 26.33 12.78
C ASN A 114 -29.94 25.82 13.26
N TYR A 115 -30.51 24.84 12.54
CA TYR A 115 -31.73 24.17 13.00
C TYR A 115 -31.51 23.38 14.29
N SER A 116 -30.33 22.80 14.44
CA SER A 116 -30.05 21.98 15.62
C SER A 116 -29.29 22.74 16.70
N ALA A 117 -29.03 24.03 16.46
CA ALA A 117 -28.26 24.85 17.38
C ALA A 117 -29.07 25.28 18.61
N VAL A 118 -28.38 25.37 19.73
CA VAL A 118 -28.93 25.87 20.97
C VAL A 118 -28.25 27.20 21.31
N GLU A 119 -28.74 27.88 22.35
CA GLU A 119 -28.29 29.21 22.74
C GLU A 119 -26.77 29.26 23.07
N THR A 120 -26.24 28.13 23.52
CA THR A 120 -24.84 28.00 23.89
C THR A 120 -23.97 27.52 22.73
N SER A 121 -24.60 27.31 21.57
CA SER A 121 -23.89 26.83 20.35
C SER A 121 -22.90 27.86 19.82
N LYS A 122 -22.08 27.46 18.84
CA LYS A 122 -21.11 28.38 18.22
C LYS A 122 -21.29 28.42 16.68
N PRO A 123 -20.76 29.48 16.01
CA PRO A 123 -20.75 29.42 14.53
C PRO A 123 -19.93 28.21 14.08
N LEU A 124 -20.25 27.65 12.92
CA LEU A 124 -19.61 26.40 12.50
C LEU A 124 -18.39 26.62 11.59
N PHE A 125 -18.50 27.53 10.62
CA PHE A 125 -17.44 27.66 9.62
C PHE A 125 -17.05 29.09 9.21
N GLY A 126 -15.82 29.21 8.73
CA GLY A 126 -15.36 30.37 7.96
C GLY A 126 -15.27 29.98 6.50
N GLU A 127 -15.20 30.97 5.64
CA GLU A 127 -15.24 30.77 4.20
C GLU A 127 -14.15 31.54 3.49
N HIS A 128 -13.54 30.91 2.50
CA HIS A 128 -12.40 31.48 1.79
C HIS A 128 -12.47 31.10 0.33
N TYR A 129 -11.85 31.93 -0.52
CA TYR A 129 -11.89 31.72 -1.96
C TYR A 129 -10.53 31.70 -2.60
N VAL A 130 -10.28 30.62 -3.35
CA VAL A 130 -9.07 30.45 -4.12
C VAL A 130 -9.39 30.16 -5.59
N ARG A 131 -8.95 31.03 -6.50
CA ARG A 131 -9.09 30.73 -7.91
C ARG A 131 -8.00 29.74 -8.37
N VAL A 132 -8.43 28.64 -8.96
CA VAL A 132 -7.51 27.62 -9.43
C VAL A 132 -7.80 27.46 -10.91
N LYS A 133 -6.77 27.39 -11.76
CA LYS A 133 -6.94 27.35 -13.22
C LYS A 133 -5.92 26.44 -13.90
N SER A 134 -6.37 25.54 -14.77
CA SER A 134 -5.45 24.64 -15.49
C SER A 134 -5.94 24.15 -16.85
N TYR A 135 -7.22 24.30 -17.13
CA TYR A 135 -7.78 23.70 -18.34
C TYR A 135 -7.81 24.60 -19.56
N CYS A 136 -7.57 23.98 -20.71
CA CYS A 136 -7.75 24.62 -22.01
C CYS A 136 -8.60 23.72 -22.85
N ASN A 137 -9.68 24.27 -23.37
CA ASN A 137 -10.73 23.46 -23.97
C ASN A 137 -11.19 22.39 -22.97
N ASP A 138 -11.15 21.11 -23.39
CA ASP A 138 -11.55 20.00 -22.53
C ASP A 138 -10.40 19.26 -21.82
N GLN A 139 -9.22 19.84 -21.81
CA GLN A 139 -8.05 19.18 -21.22
C GLN A 139 -7.24 20.04 -20.27
N SER A 140 -6.64 19.36 -19.30
CA SER A 140 -5.68 19.99 -18.42
C SER A 140 -4.45 20.39 -19.21
N THR A 141 -3.93 21.58 -18.96
CA THR A 141 -2.66 21.97 -19.54
C THR A 141 -1.48 21.36 -18.78
N GLY A 142 -1.76 20.65 -17.68
CA GLY A 142 -0.70 20.02 -16.87
C GLY A 142 0.13 21.02 -16.08
N THR A 143 -0.30 22.29 -16.14
CA THR A 143 0.23 23.40 -15.33
C THR A 143 -0.89 23.87 -14.40
N LEU A 144 -0.57 24.69 -13.41
CA LEU A 144 -1.59 25.19 -12.49
C LEU A 144 -1.29 26.63 -12.03
N GLU A 145 -2.28 27.50 -12.19
CA GLU A 145 -2.21 28.88 -11.70
C GLU A 145 -3.20 29.03 -10.56
N ILE A 146 -2.82 29.81 -9.55
CA ILE A 146 -3.64 30.04 -8.37
C ILE A 146 -3.59 31.52 -7.94
N VAL A 147 -4.74 32.04 -7.50
CA VAL A 147 -4.82 33.38 -6.90
C VAL A 147 -5.74 33.36 -5.68
N SER A 148 -5.21 33.67 -4.50
CA SER A 148 -6.10 33.85 -3.34
C SER A 148 -5.65 34.92 -2.34
N GLU A 149 -6.47 35.16 -1.31
CA GLU A 149 -6.02 35.91 -0.15
C GLU A 149 -4.92 35.06 0.50
N ASP A 150 -4.07 35.69 1.29
CA ASP A 150 -2.92 35.01 1.88
C ASP A 150 -3.38 33.86 2.77
N LEU A 151 -2.96 32.67 2.38
CA LEU A 151 -3.39 31.41 2.98
C LEU A 151 -2.76 31.13 4.33
N SER A 152 -1.95 32.07 4.82
CA SER A 152 -1.38 31.96 6.16
C SER A 152 -2.51 32.10 7.19
N CYS A 153 -3.66 32.63 6.76
CA CYS A 153 -4.82 32.72 7.65
C CYS A 153 -5.39 31.34 8.00
N LEU A 154 -4.88 30.30 7.35
CA LEU A 154 -5.32 28.93 7.59
C LEU A 154 -4.46 28.19 8.60
N LYS A 155 -3.35 28.79 9.02
CA LYS A 155 -2.47 28.17 10.05
C LYS A 155 -3.24 27.71 11.29
N GLY A 156 -3.12 26.42 11.60
CA GLY A 156 -3.77 25.84 12.78
C GLY A 156 -5.27 25.64 12.64
N LYS A 157 -5.80 25.78 11.43
CA LYS A 157 -7.23 25.57 11.17
C LYS A 157 -7.57 24.19 10.58
N HIS A 158 -8.77 23.71 10.87
CA HIS A 158 -9.38 22.66 10.08
C HIS A 158 -9.84 23.31 8.75
N VAL A 159 -9.45 22.69 7.64
CA VAL A 159 -9.73 23.20 6.31
C VAL A 159 -10.47 22.14 5.48
N LEU A 160 -11.55 22.58 4.84
CA LEU A 160 -12.33 21.73 3.96
C LEU A 160 -12.23 22.35 2.58
N ILE A 161 -11.64 21.62 1.64
CA ILE A 161 -11.53 22.07 0.26
C ILE A 161 -12.79 21.63 -0.46
N VAL A 162 -13.41 22.56 -1.17
CA VAL A 162 -14.59 22.28 -1.99
C VAL A 162 -14.26 22.48 -3.47
N GLU A 163 -14.23 21.35 -4.17
CA GLU A 163 -13.90 21.24 -5.56
C GLU A 163 -15.09 20.66 -6.32
N ASP A 164 -15.42 21.29 -7.45
CA ASP A 164 -16.52 20.83 -8.29
C ASP A 164 -16.26 19.41 -8.81
N ILE A 165 -15.08 19.20 -9.36
CA ILE A 165 -14.77 17.91 -10.00
C ILE A 165 -13.31 17.46 -9.88
N ILE A 166 -13.12 16.15 -9.74
CA ILE A 166 -11.82 15.55 -9.79
C ILE A 166 -11.73 14.73 -11.09
N ASP A 167 -10.70 15.02 -11.87
CA ASP A 167 -10.60 14.45 -13.19
C ASP A 167 -9.24 13.73 -13.29
N THR A 168 -8.19 14.45 -13.66
CA THR A 168 -6.80 13.97 -13.57
C THR A 168 -6.30 13.90 -12.12
N GLY A 169 -6.97 14.61 -11.22
CA GLY A 169 -6.45 14.81 -9.85
C GLY A 169 -5.23 15.71 -9.76
N LYS A 170 -4.86 16.39 -10.84
CA LYS A 170 -3.66 17.22 -10.81
C LYS A 170 -3.89 18.48 -9.96
N THR A 171 -5.03 19.12 -10.15
CA THR A 171 -5.35 20.34 -9.39
C THR A 171 -5.12 20.13 -7.89
N LEU A 172 -5.67 19.05 -7.35
CA LEU A 172 -5.67 18.81 -5.92
C LEU A 172 -4.35 18.27 -5.38
N VAL A 173 -3.70 17.32 -6.07
CA VAL A 173 -2.39 16.89 -5.58
C VAL A 173 -1.50 18.12 -5.48
N LYS A 174 -1.51 18.94 -6.53
CA LYS A 174 -0.64 20.09 -6.59
C LYS A 174 -1.07 21.13 -5.56
N PHE A 175 -2.37 21.37 -5.46
CA PHE A 175 -2.82 22.35 -4.50
C PHE A 175 -2.56 21.92 -3.05
N CYS A 176 -2.80 20.65 -2.73
CA CYS A 176 -2.63 20.14 -1.36
C CYS A 176 -1.16 20.12 -0.97
N GLU A 177 -0.29 19.99 -1.97
CA GLU A 177 1.16 20.02 -1.78
C GLU A 177 1.55 21.42 -1.35
N TYR A 178 0.97 22.45 -2.00
CA TYR A 178 1.21 23.87 -1.66
C TYR A 178 0.75 24.19 -0.23
N LEU A 179 -0.37 23.60 0.18
CA LEU A 179 -0.96 23.87 1.51
C LEU A 179 -0.14 23.35 2.68
N LYS A 180 0.70 22.36 2.42
CA LYS A 180 1.52 21.73 3.46
C LYS A 180 2.49 22.71 4.09
N LYS A 181 2.78 23.79 3.38
CA LYS A 181 3.75 24.78 3.82
C LYS A 181 3.21 25.64 4.94
N PHE A 182 1.90 25.68 5.11
CA PHE A 182 1.29 26.70 5.96
C PHE A 182 0.75 26.24 7.32
N GLU A 183 1.17 25.04 7.73
CA GLU A 183 0.92 24.51 9.08
C GLU A 183 -0.57 24.50 9.39
N ILE A 184 -1.33 24.00 8.43
CA ILE A 184 -2.76 23.85 8.58
C ILE A 184 -2.95 22.62 9.45
N LYS A 185 -3.95 22.64 10.31
CA LYS A 185 -4.13 21.54 11.28
C LYS A 185 -4.64 20.30 10.57
N THR A 186 -5.71 20.46 9.79
CA THR A 186 -6.23 19.35 9.00
C THR A 186 -6.70 19.80 7.60
N VAL A 187 -6.53 18.92 6.61
CA VAL A 187 -7.04 19.15 5.24
C VAL A 187 -7.97 18.03 4.80
N ALA A 188 -9.22 18.39 4.53
CA ALA A 188 -10.18 17.44 4.01
C ALA A 188 -10.75 17.97 2.70
N ILE A 189 -11.22 17.03 1.88
CA ILE A 189 -11.70 17.33 0.53
C ILE A 189 -13.17 16.93 0.39
N ALA A 190 -13.97 17.85 -0.15
CA ALA A 190 -15.33 17.56 -0.61
C ALA A 190 -15.31 17.80 -2.10
N CYS A 191 -15.88 16.86 -2.84
CA CYS A 191 -15.90 16.90 -4.27
C CYS A 191 -17.32 16.58 -4.75
N LEU A 192 -17.84 17.34 -5.72
CA LEU A 192 -19.19 17.05 -6.25
C LEU A 192 -19.16 15.90 -7.25
N PHE A 193 -18.28 15.97 -8.25
CA PHE A 193 -18.16 14.88 -9.22
C PHE A 193 -16.77 14.28 -9.23
N ILE A 194 -16.70 12.97 -9.42
CA ILE A 194 -15.42 12.34 -9.71
C ILE A 194 -15.57 11.50 -11.01
N LYS A 195 -14.69 11.77 -11.97
CA LYS A 195 -14.81 11.19 -13.29
C LYS A 195 -13.98 9.92 -13.38
N ARG A 196 -14.61 8.87 -13.87
CA ARG A 196 -13.95 7.60 -14.13
C ARG A 196 -13.21 7.72 -15.45
N THR A 197 -11.98 8.22 -15.35
CA THR A 197 -11.12 8.41 -16.51
C THR A 197 -9.79 7.69 -16.26
N PRO A 198 -9.20 7.12 -17.31
CA PRO A 198 -7.90 6.47 -17.13
C PRO A 198 -6.77 7.49 -16.84
N LEU A 199 -7.03 8.78 -17.07
CA LEU A 199 -6.09 9.87 -16.73
C LEU A 199 -6.01 10.19 -15.23
N TRP A 200 -6.78 9.51 -14.40
CA TRP A 200 -6.85 9.84 -12.97
C TRP A 200 -5.62 9.34 -12.22
N ASN A 201 -5.06 10.21 -11.35
CA ASN A 201 -3.83 9.90 -10.61
C ASN A 201 -4.05 9.19 -9.28
N GLY A 202 -5.30 8.98 -8.91
CA GLY A 202 -5.60 8.26 -7.69
C GLY A 202 -6.03 9.14 -6.54
N PHE A 203 -6.05 10.44 -6.77
CA PHE A 203 -6.51 11.35 -5.72
C PHE A 203 -8.02 11.15 -5.45
N LYS A 204 -8.32 10.64 -4.25
CA LYS A 204 -9.72 10.48 -3.80
C LYS A 204 -10.07 11.58 -2.82
N ALA A 205 -11.33 12.02 -2.84
CA ALA A 205 -11.83 13.01 -1.86
C ALA A 205 -12.38 12.33 -0.62
N ASP A 206 -12.77 13.11 0.40
CA ASP A 206 -13.30 12.53 1.62
C ASP A 206 -14.82 12.53 1.69
N PHE A 207 -15.43 13.37 0.86
CA PHE A 207 -16.89 13.50 0.69
C PHE A 207 -17.05 13.68 -0.81
N VAL A 208 -17.89 12.85 -1.40
CA VAL A 208 -18.04 12.82 -2.82
C VAL A 208 -19.52 12.66 -3.22
N GLY A 209 -19.96 13.46 -4.17
CA GLY A 209 -21.35 13.43 -4.62
C GLY A 209 -21.63 12.29 -5.57
N PHE A 210 -20.99 12.32 -6.73
CA PHE A 210 -21.29 11.40 -7.83
C PHE A 210 -20.04 10.87 -8.46
N SER A 211 -20.05 9.59 -8.84
CA SER A 211 -19.03 9.07 -9.76
C SER A 211 -19.65 9.15 -11.17
N ILE A 212 -18.97 9.81 -12.11
CA ILE A 212 -19.52 9.98 -13.46
C ILE A 212 -18.67 9.31 -14.56
N PRO A 213 -19.30 9.01 -15.74
CA PRO A 213 -18.55 8.39 -16.84
C PRO A 213 -17.55 9.35 -17.48
N ASP A 214 -16.71 8.83 -18.37
CA ASP A 214 -15.65 9.63 -18.95
C ASP A 214 -16.12 10.49 -20.16
N HIS A 215 -16.74 11.63 -19.83
CA HIS A 215 -17.09 12.66 -20.81
C HIS A 215 -16.93 14.03 -20.16
N PHE A 216 -16.67 15.05 -20.97
CA PHE A 216 -16.56 16.43 -20.49
C PHE A 216 -17.94 17.04 -20.25
N VAL A 217 -18.16 17.44 -19.01
CA VAL A 217 -19.47 17.89 -18.57
C VAL A 217 -19.47 19.41 -18.42
N VAL A 218 -20.62 20.01 -18.64
CA VAL A 218 -20.79 21.45 -18.43
C VAL A 218 -22.03 21.70 -17.59
N GLY A 219 -22.14 22.92 -17.06
CA GLY A 219 -23.30 23.28 -16.26
C GLY A 219 -23.01 23.28 -14.76
N TYR A 220 -23.97 23.77 -13.97
CA TYR A 220 -23.78 23.84 -12.51
C TYR A 220 -22.43 24.48 -12.15
N SER A 221 -22.09 25.52 -12.92
CA SER A 221 -20.84 26.28 -12.78
C SER A 221 -19.64 25.71 -13.54
N LEU A 222 -19.74 24.49 -14.07
CA LEU A 222 -18.63 23.89 -14.83
C LEU A 222 -18.68 24.38 -16.27
N ASP A 223 -17.54 24.81 -16.82
CA ASP A 223 -17.52 25.44 -18.13
C ASP A 223 -16.82 24.64 -19.20
N TYR A 224 -17.07 25.04 -20.44
CA TYR A 224 -16.14 24.83 -21.52
C TYR A 224 -15.79 26.25 -22.04
N ASN A 225 -14.58 26.67 -21.73
CA ASN A 225 -14.02 27.97 -22.12
C ASN A 225 -14.88 29.18 -21.74
N GLU A 226 -15.32 29.19 -20.48
CA GLU A 226 -16.17 30.24 -19.89
C GLU A 226 -17.63 30.16 -20.36
N ILE A 227 -17.96 29.14 -21.16
CA ILE A 227 -19.34 28.99 -21.60
C ILE A 227 -20.07 27.90 -20.76
N PHE A 228 -21.40 27.99 -20.66
CA PHE A 228 -22.24 26.99 -19.98
C PHE A 228 -22.30 27.03 -18.45
N ARG A 229 -21.58 27.95 -17.81
CA ARG A 229 -21.53 27.96 -16.34
C ARG A 229 -22.92 28.18 -15.78
N ASP A 230 -23.79 28.79 -16.60
CA ASP A 230 -25.12 29.15 -16.17
C ASP A 230 -26.14 28.05 -16.40
N LEU A 231 -25.79 27.04 -17.19
CA LEU A 231 -26.66 25.92 -17.43
C LEU A 231 -27.02 25.26 -16.09
N ASP A 232 -28.32 25.13 -15.80
CA ASP A 232 -28.78 24.56 -14.53
C ASP A 232 -28.36 23.09 -14.34
N HIS A 233 -28.40 22.30 -15.41
CA HIS A 233 -28.15 20.86 -15.27
C HIS A 233 -26.75 20.50 -15.70
N CYS A 234 -26.26 19.32 -15.25
CA CYS A 234 -24.95 18.83 -15.62
C CYS A 234 -25.14 18.03 -16.90
N CYS A 235 -24.52 18.50 -17.98
CA CYS A 235 -24.74 17.93 -19.33
C CYS A 235 -23.46 17.62 -20.05
N LEU A 236 -23.55 16.82 -21.11
CA LEU A 236 -22.39 16.49 -21.93
C LEU A 236 -22.36 17.39 -23.14
N VAL A 237 -21.31 18.20 -23.27
CA VAL A 237 -21.15 19.01 -24.47
C VAL A 237 -20.83 18.11 -25.63
N ASN A 238 -21.49 18.35 -26.76
CA ASN A 238 -21.21 17.56 -27.94
C ASN A 238 -20.01 18.13 -28.69
N ASP A 239 -19.55 17.42 -29.72
CA ASP A 239 -18.40 17.86 -30.53
C ASP A 239 -18.57 19.21 -31.21
N GLU A 240 -19.79 19.52 -31.64
CA GLU A 240 -20.07 20.78 -32.29
C GLU A 240 -19.87 21.93 -31.29
N GLY A 241 -20.34 21.75 -30.06
CA GLY A 241 -20.12 22.71 -29.00
C GLY A 241 -18.65 22.93 -28.69
N LYS A 242 -17.90 21.83 -28.63
CA LYS A 242 -16.45 21.90 -28.39
C LYS A 242 -15.76 22.66 -29.51
N LYS A 243 -16.24 22.45 -30.74
CA LYS A 243 -15.61 23.07 -31.91
C LYS A 243 -15.97 24.55 -31.94
N LYS A 244 -17.25 24.84 -31.76
CA LYS A 244 -17.73 26.20 -31.83
C LYS A 244 -17.01 27.11 -30.82
N TYR A 245 -16.75 26.59 -29.63
CA TYR A 245 -16.18 27.41 -28.56
C TYR A 245 -14.71 27.10 -28.25
N LYS A 246 -14.04 26.41 -29.18
CA LYS A 246 -12.60 26.15 -29.04
C LYS A 246 -11.85 27.45 -28.77
N ALA A 247 -10.83 27.37 -27.92
CA ALA A 247 -10.02 28.52 -27.52
C ALA A 247 -9.46 29.28 -28.72
N MET B 20 -32.07 53.44 -20.46
CA MET B 20 -31.70 52.40 -21.48
C MET B 20 -30.20 52.28 -21.85
N PRO B 21 -29.41 53.37 -21.73
CA PRO B 21 -28.01 53.13 -22.12
C PRO B 21 -27.22 52.41 -21.00
N ILE B 22 -26.14 51.71 -21.38
CA ILE B 22 -25.24 51.11 -20.38
C ILE B 22 -24.58 52.25 -19.58
N PRO B 23 -24.76 52.25 -18.24
CA PRO B 23 -24.07 53.24 -17.40
C PRO B 23 -22.57 53.23 -17.65
N ASN B 24 -21.96 54.40 -17.63
CA ASN B 24 -20.50 54.54 -17.68
C ASN B 24 -20.06 55.82 -16.98
N ASN B 25 -20.61 56.05 -15.80
CA ASN B 25 -20.10 57.09 -14.94
C ASN B 25 -20.00 56.60 -13.48
N PRO B 26 -19.06 55.68 -13.21
CA PRO B 26 -19.01 54.98 -11.93
C PRO B 26 -19.00 55.96 -10.79
N GLY B 27 -20.04 55.89 -9.96
CA GLY B 27 -20.13 56.75 -8.81
C GLY B 27 -21.17 57.82 -8.91
N ALA B 28 -21.64 58.09 -10.13
CA ALA B 28 -22.67 59.08 -10.37
C ALA B 28 -24.08 58.49 -10.35
N GLY B 29 -24.21 57.20 -10.66
CA GLY B 29 -25.52 56.55 -10.68
C GLY B 29 -26.53 57.35 -11.48
N GLU B 30 -26.09 57.88 -12.62
CA GLU B 30 -26.81 58.90 -13.40
C GLU B 30 -28.31 58.68 -13.62
N ASN B 31 -28.69 57.46 -13.99
CA ASN B 31 -30.09 57.18 -14.29
C ASN B 31 -30.71 56.13 -13.36
N ALA B 32 -30.09 55.93 -12.19
CA ALA B 32 -30.46 54.83 -11.30
C ALA B 32 -31.90 54.90 -10.78
N PHE B 33 -32.59 53.77 -10.76
CA PHE B 33 -33.89 53.72 -10.08
C PHE B 33 -33.69 53.92 -8.57
N ASP B 34 -34.68 54.53 -7.93
CA ASP B 34 -34.75 54.57 -6.48
C ASP B 34 -34.72 53.17 -5.83
N PRO B 35 -33.97 53.01 -4.72
CA PRO B 35 -34.00 51.72 -4.02
C PRO B 35 -35.25 51.62 -3.16
N VAL B 36 -35.50 50.45 -2.58
CA VAL B 36 -36.46 50.35 -1.47
C VAL B 36 -35.93 51.20 -0.31
N PHE B 37 -36.73 52.10 0.22
CA PHE B 37 -36.29 52.93 1.33
C PHE B 37 -36.64 52.24 2.64
N VAL B 38 -35.64 51.98 3.48
CA VAL B 38 -35.85 51.40 4.81
C VAL B 38 -35.73 52.55 5.83
N ASN B 39 -36.87 52.96 6.42
CA ASN B 39 -36.91 54.08 7.38
C ASN B 39 -36.05 53.82 8.62
N ASP B 40 -35.77 54.88 9.39
CA ASP B 40 -34.92 54.75 10.58
C ASP B 40 -35.53 53.82 11.64
N ASP B 41 -36.85 53.79 11.72
CA ASP B 41 -37.57 53.00 12.70
C ASP B 41 -38.02 51.63 12.15
N ASP B 42 -37.69 51.33 10.89
CA ASP B 42 -38.12 50.07 10.27
C ASP B 42 -37.38 48.86 10.83
N GLY B 43 -38.02 47.70 10.77
CA GLY B 43 -37.44 46.48 11.33
C GLY B 43 -38.45 45.48 11.85
N TYR B 44 -37.97 44.41 12.45
CA TYR B 44 -38.87 43.37 12.95
C TYR B 44 -38.23 42.80 14.21
N ASP B 45 -39.03 42.29 15.13
CA ASP B 45 -38.48 41.67 16.33
C ASP B 45 -37.87 40.34 15.91
N LEU B 46 -36.81 39.95 16.63
CA LEU B 46 -36.09 38.71 16.36
C LEU B 46 -37.01 37.48 16.38
N ASP B 47 -38.04 37.53 17.22
CA ASP B 47 -38.99 36.42 17.36
C ASP B 47 -40.05 36.34 16.25
N SER B 48 -40.03 37.26 15.32
CA SER B 48 -40.90 37.22 14.13
C SER B 48 -40.39 36.20 13.09
N PHE B 49 -39.09 35.94 13.10
CA PHE B 49 -38.45 35.12 12.08
C PHE B 49 -37.54 34.07 12.67
N MET B 50 -37.10 33.13 11.84
CA MET B 50 -36.14 32.16 12.28
C MET B 50 -34.80 32.86 12.47
N ILE B 51 -34.19 32.65 13.64
CA ILE B 51 -32.88 33.24 13.96
C ILE B 51 -32.08 32.15 14.65
N PRO B 52 -30.81 31.97 14.25
CA PRO B 52 -30.01 30.94 14.90
C PRO B 52 -29.87 31.26 16.40
N ALA B 53 -30.15 30.25 17.22
CA ALA B 53 -30.34 30.40 18.67
C ALA B 53 -29.19 31.12 19.34
N HIS B 54 -27.98 30.76 18.95
CA HIS B 54 -26.77 31.37 19.53
C HIS B 54 -26.55 32.81 19.08
N TYR B 55 -27.18 33.20 17.98
CA TYR B 55 -27.04 34.56 17.44
C TYR B 55 -27.96 35.60 18.12
N LYS B 56 -29.10 35.17 18.67
CA LYS B 56 -30.08 36.10 19.28
C LYS B 56 -29.50 37.16 20.21
N LYS B 57 -28.69 36.69 21.17
CA LYS B 57 -28.12 37.54 22.19
C LYS B 57 -27.21 38.67 21.65
N TYR B 58 -26.76 38.52 20.40
CA TYR B 58 -25.87 39.50 19.73
C TYR B 58 -26.51 40.44 18.68
N LEU B 59 -27.83 40.35 18.54
CA LEU B 59 -28.56 41.12 17.53
C LEU B 59 -29.64 41.93 18.22
N THR B 60 -29.93 43.11 17.70
CA THR B 60 -31.02 43.90 18.28
CA THR B 60 -31.00 43.94 18.25
C THR B 60 -32.33 43.59 17.57
N LYS B 61 -32.28 43.44 16.25
CA LYS B 61 -33.48 43.24 15.43
C LYS B 61 -33.14 42.82 14.01
N VAL B 62 -34.17 42.35 13.29
CA VAL B 62 -34.10 42.07 11.88
C VAL B 62 -34.38 43.35 11.14
N LEU B 63 -33.45 43.78 10.28
CA LEU B 63 -33.72 44.95 9.46
C LEU B 63 -34.39 44.62 8.11
N VAL B 64 -33.83 43.66 7.37
CA VAL B 64 -34.44 43.21 6.12
C VAL B 64 -34.43 41.69 6.06
N PRO B 65 -35.62 41.05 6.03
CA PRO B 65 -35.68 39.61 6.00
C PRO B 65 -35.04 39.05 4.73
N ASN B 66 -34.46 37.87 4.86
CA ASN B 66 -33.91 37.15 3.72
C ASN B 66 -34.82 37.18 2.47
N GLY B 67 -36.08 36.79 2.65
CA GLY B 67 -37.06 36.74 1.54
C GLY B 67 -37.26 38.02 0.77
N VAL B 68 -37.36 39.14 1.49
CA VAL B 68 -37.44 40.43 0.85
C VAL B 68 -36.15 40.78 0.12
N ILE B 69 -35.01 40.45 0.71
CA ILE B 69 -33.75 40.63 -0.02
C ILE B 69 -33.81 39.89 -1.37
N LYS B 70 -34.27 38.62 -1.33
CA LYS B 70 -34.33 37.80 -2.54
C LYS B 70 -35.31 38.34 -3.61
N ASN B 71 -36.50 38.76 -3.18
CA ASN B 71 -37.47 39.37 -4.08
C ASN B 71 -36.89 40.65 -4.73
N ARG B 72 -36.15 41.44 -3.95
CA ARG B 72 -35.55 42.66 -4.48
C ARG B 72 -34.39 42.36 -5.44
N ILE B 73 -33.62 41.31 -5.17
CA ILE B 73 -32.53 40.97 -6.11
C ILE B 73 -33.16 40.57 -7.44
N GLU B 74 -34.27 39.86 -7.36
CA GLU B 74 -35.01 39.51 -8.55
C GLU B 74 -35.36 40.71 -9.43
N LYS B 75 -35.89 41.79 -8.84
CA LYS B 75 -36.24 42.96 -9.61
C LYS B 75 -35.00 43.65 -10.13
N LEU B 76 -33.94 43.60 -9.34
CA LEU B 76 -32.68 44.23 -9.69
C LEU B 76 -32.10 43.61 -10.94
N ALA B 77 -32.13 42.26 -10.96
CA ALA B 77 -31.74 41.49 -12.13
C ALA B 77 -32.61 41.86 -13.37
N TYR B 78 -33.92 42.04 -13.16
CA TYR B 78 -34.78 42.48 -14.27
C TYR B 78 -34.36 43.87 -14.75
N ASP B 79 -34.07 44.77 -13.81
CA ASP B 79 -33.57 46.08 -14.23
C ASP B 79 -32.28 45.95 -15.05
N ILE B 80 -31.34 45.14 -14.55
CA ILE B 80 -30.07 44.92 -15.25
C ILE B 80 -30.32 44.42 -16.68
N LYS B 81 -31.17 43.42 -16.82
CA LYS B 81 -31.50 42.86 -18.13
C LYS B 81 -32.18 43.90 -19.04
N LYS B 82 -33.02 44.76 -18.48
CA LYS B 82 -33.62 45.86 -19.25
C LYS B 82 -32.60 46.90 -19.78
N VAL B 83 -31.46 47.04 -19.09
CA VAL B 83 -30.39 47.90 -19.55
C VAL B 83 -29.48 47.15 -20.53
N TYR B 84 -28.99 45.98 -20.16
CA TYR B 84 -28.04 45.31 -21.05
C TYR B 84 -28.66 44.66 -22.28
N ASN B 85 -29.90 44.19 -22.15
CA ASN B 85 -30.57 43.51 -23.25
C ASN B 85 -29.77 42.23 -23.60
N ASN B 86 -29.36 42.04 -24.84
CA ASN B 86 -28.60 40.84 -25.21
C ASN B 86 -27.09 41.08 -25.34
N GLU B 87 -26.66 42.27 -24.95
CA GLU B 87 -25.26 42.68 -25.05
C GLU B 87 -24.39 41.96 -24.04
N GLU B 88 -23.33 41.32 -24.51
CA GLU B 88 -22.38 40.62 -23.63
C GLU B 88 -21.89 41.56 -22.55
N PHE B 89 -21.99 41.13 -21.28
CA PHE B 89 -21.30 41.85 -20.21
C PHE B 89 -20.62 40.95 -19.17
N HIS B 90 -19.78 41.55 -18.34
CA HIS B 90 -18.96 40.80 -17.37
C HIS B 90 -19.25 41.22 -15.93
N ILE B 91 -19.71 40.25 -15.15
CA ILE B 91 -20.15 40.51 -13.77
C ILE B 91 -19.03 40.21 -12.80
N LEU B 92 -18.70 41.21 -11.99
CA LEU B 92 -17.54 41.16 -11.14
C LEU B 92 -17.93 41.15 -9.65
N CYS B 93 -17.73 40.01 -9.02
CA CYS B 93 -18.04 39.85 -7.59
C CYS B 93 -16.93 40.31 -6.63
N LEU B 94 -17.28 41.29 -5.78
CA LEU B 94 -16.39 41.78 -4.75
C LEU B 94 -16.49 40.92 -3.49
N LEU B 95 -15.55 40.01 -3.33
CA LEU B 95 -15.52 39.06 -2.21
C LEU B 95 -15.02 39.71 -0.90
N LYS B 96 -15.36 39.14 0.28
CA LYS B 96 -16.23 37.99 0.42
C LYS B 96 -17.71 38.35 0.57
N GLY B 97 -18.01 39.58 1.01
CA GLY B 97 -19.35 39.90 1.47
C GLY B 97 -20.42 39.95 0.39
N SER B 98 -20.03 40.08 -0.87
CA SER B 98 -21.01 40.19 -1.94
CA SER B 98 -21.00 40.19 -1.95
C SER B 98 -21.45 38.82 -2.46
N ARG B 99 -20.82 37.75 -1.96
CA ARG B 99 -21.17 36.38 -2.44
C ARG B 99 -22.70 36.09 -2.53
N GLY B 100 -23.43 36.24 -1.43
CA GLY B 100 -24.86 35.94 -1.42
C GLY B 100 -25.65 36.76 -2.44
N PHE B 101 -25.54 38.08 -2.34
CA PHE B 101 -26.03 39.00 -3.37
C PHE B 101 -25.69 38.56 -4.80
N PHE B 102 -24.41 38.38 -5.06
CA PHE B 102 -23.91 37.94 -6.38
C PHE B 102 -24.59 36.66 -6.83
N THR B 103 -24.73 35.71 -5.91
CA THR B 103 -25.32 34.39 -6.17
CA THR B 103 -25.28 34.41 -6.27
C THR B 103 -26.78 34.49 -6.62
N ALA B 104 -27.56 35.25 -5.85
CA ALA B 104 -28.99 35.38 -6.12
C ALA B 104 -29.16 36.16 -7.43
N LEU B 105 -28.29 37.13 -7.64
CA LEU B 105 -28.28 37.88 -8.88
C LEU B 105 -27.99 36.98 -10.11
N LEU B 106 -26.95 36.17 -10.05
CA LEU B 106 -26.71 35.21 -11.18
C LEU B 106 -27.93 34.35 -11.49
N LYS B 107 -28.55 33.86 -10.43
CA LYS B 107 -29.66 32.95 -10.53
C LYS B 107 -30.83 33.60 -11.26
N HIS B 108 -31.22 34.79 -10.82
CA HIS B 108 -32.35 35.45 -11.43
C HIS B 108 -32.03 35.99 -12.81
N LEU B 109 -30.83 36.53 -13.02
CA LEU B 109 -30.44 36.98 -14.35
C LEU B 109 -30.47 35.84 -15.35
N SER B 110 -29.88 34.72 -14.99
CA SER B 110 -29.90 33.56 -15.92
C SER B 110 -31.30 33.11 -16.25
N ARG B 111 -32.16 32.98 -15.23
CA ARG B 111 -33.53 32.51 -15.47
C ARG B 111 -34.28 33.43 -16.42
N ILE B 112 -34.16 34.73 -16.18
CA ILE B 112 -34.79 35.78 -16.96
C ILE B 112 -34.24 35.80 -18.38
N HIS B 113 -32.92 35.78 -18.49
CA HIS B 113 -32.27 35.72 -19.79
C HIS B 113 -32.59 34.42 -20.52
N ASN B 114 -32.54 33.32 -19.79
CA ASN B 114 -32.70 32.00 -20.43
C ASN B 114 -34.17 31.62 -20.65
N TYR B 115 -35.10 32.18 -19.89
CA TYR B 115 -36.51 31.97 -20.20
C TYR B 115 -36.94 32.60 -21.52
N SER B 116 -36.46 33.81 -21.80
CA SER B 116 -36.85 34.53 -23.02
C SER B 116 -35.92 34.26 -24.21
N ALA B 117 -34.91 33.43 -23.98
CA ALA B 117 -33.93 33.05 -25.01
C ALA B 117 -34.55 32.25 -26.14
N VAL B 118 -33.96 32.41 -27.32
CA VAL B 118 -34.41 31.74 -28.50
C VAL B 118 -33.21 30.94 -29.03
N GLU B 119 -33.40 30.08 -30.03
CA GLU B 119 -32.36 29.15 -30.47
C GLU B 119 -31.15 29.89 -31.04
N THR B 120 -31.38 31.14 -31.47
CA THR B 120 -30.33 31.97 -32.07
C THR B 120 -29.59 32.82 -31.04
N SER B 121 -30.11 32.83 -29.81
CA SER B 121 -29.50 33.62 -28.71
C SER B 121 -28.09 33.21 -28.35
N LYS B 122 -27.45 34.02 -27.54
CA LYS B 122 -26.15 33.65 -26.98
C LYS B 122 -26.11 33.90 -25.46
N PRO B 123 -25.07 33.40 -24.75
CA PRO B 123 -25.02 33.67 -23.31
C PRO B 123 -24.95 35.18 -23.02
N LEU B 124 -25.43 35.57 -21.84
CA LEU B 124 -25.50 37.00 -21.51
C LEU B 124 -24.22 37.53 -20.87
N PHE B 125 -23.63 36.76 -19.97
CA PHE B 125 -22.52 37.32 -19.20
C PHE B 125 -21.40 36.34 -18.88
N GLY B 126 -20.24 36.91 -18.57
CA GLY B 126 -19.19 36.22 -17.83
C GLY B 126 -19.19 36.65 -16.37
N GLU B 127 -18.49 35.88 -15.56
CA GLU B 127 -18.48 36.07 -14.13
C GLU B 127 -17.05 36.12 -13.65
N HIS B 128 -16.77 37.14 -12.84
CA HIS B 128 -15.46 37.36 -12.27
C HIS B 128 -15.49 37.62 -10.78
N TYR B 129 -14.34 37.40 -10.13
CA TYR B 129 -14.21 37.51 -8.69
C TYR B 129 -12.96 38.28 -8.32
N VAL B 130 -13.11 39.38 -7.60
CA VAL B 130 -11.96 39.99 -6.96
C VAL B 130 -12.23 40.04 -5.45
N ARG B 131 -11.20 39.73 -4.67
CA ARG B 131 -11.27 39.83 -3.24
C ARG B 131 -10.70 41.19 -2.82
N VAL B 132 -11.52 41.90 -2.05
CA VAL B 132 -11.24 43.24 -1.63
C VAL B 132 -11.50 43.31 -0.09
N LYS B 133 -10.64 44.01 0.66
CA LYS B 133 -10.71 44.02 2.13
C LYS B 133 -10.28 45.37 2.72
N SER B 134 -11.07 45.88 3.66
CA SER B 134 -10.73 47.16 4.32
C SER B 134 -11.27 47.37 5.74
N TYR B 135 -12.15 46.48 6.22
CA TYR B 135 -12.77 46.66 7.53
C TYR B 135 -12.05 45.89 8.63
N CYS B 136 -12.05 46.48 9.83
CA CYS B 136 -11.66 45.80 11.05
C CYS B 136 -12.72 46.18 12.10
N ASN B 137 -13.39 45.20 12.70
CA ASN B 137 -14.57 45.48 13.53
C ASN B 137 -15.62 46.17 12.66
N ASP B 138 -16.23 47.24 13.18
CA ASP B 138 -17.29 47.95 12.45
C ASP B 138 -16.85 49.22 11.70
N GLN B 139 -15.57 49.36 11.39
CA GLN B 139 -15.07 50.59 10.76
C GLN B 139 -14.07 50.32 9.63
N SER B 140 -14.00 51.27 8.69
CA SER B 140 -13.05 51.17 7.60
C SER B 140 -11.67 51.52 8.12
N THR B 141 -10.66 50.76 7.73
CA THR B 141 -9.27 51.12 8.06
C THR B 141 -8.76 52.24 7.15
N GLY B 142 -9.56 52.60 6.15
CA GLY B 142 -9.18 53.65 5.21
C GLY B 142 -8.18 53.22 4.15
N THR B 143 -7.69 51.98 4.24
CA THR B 143 -6.81 51.39 3.23
C THR B 143 -7.47 50.12 2.66
N LEU B 144 -7.46 49.99 1.34
CA LEU B 144 -8.10 48.84 0.70
C LEU B 144 -7.11 47.83 0.17
N GLU B 145 -7.22 46.57 0.61
CA GLU B 145 -6.45 45.44 0.09
CA GLU B 145 -6.43 45.46 0.06
C GLU B 145 -7.17 44.86 -1.13
N ILE B 146 -6.50 44.82 -2.27
CA ILE B 146 -7.08 44.20 -3.46
C ILE B 146 -6.22 42.98 -3.76
N VAL B 147 -6.83 41.80 -3.83
CA VAL B 147 -6.01 40.63 -4.14
C VAL B 147 -5.73 40.66 -5.63
N SER B 148 -4.44 40.67 -5.97
CA SER B 148 -3.97 40.91 -7.35
C SER B 148 -4.29 39.79 -8.31
N GLU B 149 -5.02 40.14 -9.35
CA GLU B 149 -5.21 39.30 -10.52
C GLU B 149 -5.16 40.14 -11.79
N ASP B 150 -4.62 39.54 -12.84
CA ASP B 150 -4.57 40.20 -14.14
C ASP B 150 -5.99 40.29 -14.70
N LEU B 151 -6.47 41.51 -14.89
CA LEU B 151 -7.85 41.74 -15.31
C LEU B 151 -7.95 42.21 -16.76
N SER B 152 -6.94 41.87 -17.57
CA SER B 152 -6.92 42.32 -18.96
C SER B 152 -7.85 41.50 -19.85
N CYS B 153 -8.39 40.40 -19.30
CA CYS B 153 -9.47 39.67 -19.98
C CYS B 153 -10.71 40.59 -20.10
N LEU B 154 -10.73 41.65 -19.29
CA LEU B 154 -11.82 42.63 -19.25
C LEU B 154 -11.61 43.85 -20.16
N LYS B 155 -10.46 43.93 -20.83
CA LYS B 155 -10.16 45.06 -21.70
C LYS B 155 -11.25 45.17 -22.76
N GLY B 156 -11.80 46.37 -22.91
CA GLY B 156 -12.85 46.62 -23.89
C GLY B 156 -14.18 45.95 -23.56
N LYS B 157 -14.38 45.54 -22.30
CA LYS B 157 -15.65 44.91 -21.90
C LYS B 157 -16.50 45.82 -21.05
N HIS B 158 -17.82 45.60 -21.12
CA HIS B 158 -18.77 46.15 -20.17
C HIS B 158 -18.57 45.35 -18.90
N VAL B 159 -18.30 46.05 -17.82
CA VAL B 159 -18.28 45.39 -16.52
C VAL B 159 -19.29 45.94 -15.56
N LEU B 160 -19.99 45.00 -14.92
CA LEU B 160 -20.91 45.28 -13.85
C LEU B 160 -20.28 44.87 -12.52
N ILE B 161 -19.97 45.83 -11.67
CA ILE B 161 -19.46 45.48 -10.34
C ILE B 161 -20.64 45.15 -9.38
N VAL B 162 -20.55 44.03 -8.70
CA VAL B 162 -21.52 43.61 -7.67
C VAL B 162 -20.91 43.77 -6.27
N GLU B 163 -21.44 44.73 -5.51
CA GLU B 163 -21.01 45.08 -4.15
C GLU B 163 -22.19 44.88 -3.21
N ASP B 164 -21.94 44.33 -2.02
CA ASP B 164 -22.99 44.10 -1.03
C ASP B 164 -23.47 45.42 -0.46
N ILE B 165 -22.53 46.30 -0.13
CA ILE B 165 -22.91 47.52 0.57
C ILE B 165 -22.03 48.71 0.26
N ILE B 166 -22.64 49.90 0.20
CA ILE B 166 -21.91 51.16 0.13
C ILE B 166 -22.11 51.89 1.44
N ASP B 167 -20.99 52.18 2.10
CA ASP B 167 -21.02 52.76 3.39
C ASP B 167 -20.27 54.10 3.28
N THR B 168 -18.96 54.09 3.55
CA THR B 168 -18.08 55.23 3.34
C THR B 168 -17.91 55.55 1.86
N GLY B 169 -18.03 54.52 1.02
CA GLY B 169 -17.80 54.67 -0.41
C GLY B 169 -16.34 54.51 -0.78
N LYS B 170 -15.48 54.19 0.20
CA LYS B 170 -14.06 54.07 -0.04
C LYS B 170 -13.73 52.91 -0.94
N THR B 171 -14.36 51.75 -0.65
CA THR B 171 -14.12 50.54 -1.45
C THR B 171 -14.31 50.87 -2.91
N LEU B 172 -15.45 51.47 -3.26
CA LEU B 172 -15.77 51.65 -4.67
C LEU B 172 -14.96 52.73 -5.35
N VAL B 173 -14.76 53.87 -4.68
CA VAL B 173 -13.91 54.92 -5.21
C VAL B 173 -12.54 54.37 -5.58
N LYS B 174 -11.89 53.70 -4.64
CA LYS B 174 -10.58 53.11 -4.91
C LYS B 174 -10.63 51.99 -5.94
N PHE B 175 -11.59 51.07 -5.83
CA PHE B 175 -11.65 49.94 -6.76
C PHE B 175 -11.94 50.40 -8.18
N CYS B 176 -12.75 51.44 -8.34
CA CYS B 176 -13.04 51.93 -9.68
C CYS B 176 -11.79 52.56 -10.32
N GLU B 177 -10.90 53.14 -9.51
CA GLU B 177 -9.62 53.70 -10.02
C GLU B 177 -8.74 52.57 -10.54
N TYR B 178 -8.62 51.55 -9.70
CA TYR B 178 -7.94 50.32 -10.07
C TYR B 178 -8.44 49.74 -11.38
N LEU B 179 -9.75 49.47 -11.45
CA LEU B 179 -10.37 48.86 -12.64
C LEU B 179 -10.11 49.62 -13.94
N LYS B 180 -10.22 50.95 -13.87
CA LYS B 180 -10.02 51.84 -15.02
C LYS B 180 -8.68 51.64 -15.75
N LYS B 181 -7.62 51.34 -14.99
CA LYS B 181 -6.28 51.11 -15.53
C LYS B 181 -6.25 49.90 -16.47
N PHE B 182 -7.27 49.05 -16.40
CA PHE B 182 -7.37 47.87 -17.28
C PHE B 182 -8.07 48.12 -18.63
N GLU B 183 -8.48 49.37 -18.87
CA GLU B 183 -8.98 49.81 -20.19
C GLU B 183 -10.26 49.11 -20.61
N ILE B 184 -11.13 48.98 -19.62
CA ILE B 184 -12.46 48.44 -19.76
CA ILE B 184 -12.44 48.41 -19.83
C ILE B 184 -13.34 49.40 -20.59
N LYS B 185 -14.35 48.87 -21.25
CA LYS B 185 -15.27 49.66 -22.08
C LYS B 185 -16.22 50.50 -21.21
N THR B 186 -16.92 49.86 -20.25
CA THR B 186 -17.78 50.60 -19.34
C THR B 186 -17.72 50.00 -17.94
N VAL B 187 -18.05 50.81 -16.94
CA VAL B 187 -18.15 50.35 -15.56
C VAL B 187 -19.48 50.83 -14.98
N ALA B 188 -20.31 49.87 -14.58
CA ALA B 188 -21.53 50.17 -13.86
C ALA B 188 -21.51 49.42 -12.55
N ILE B 189 -22.35 49.86 -11.61
CA ILE B 189 -22.36 49.30 -10.26
C ILE B 189 -23.75 48.84 -9.82
N ALA B 190 -23.84 47.56 -9.46
CA ALA B 190 -24.96 46.96 -8.74
C ALA B 190 -24.58 46.83 -7.24
N CYS B 191 -25.40 47.45 -6.39
CA CYS B 191 -25.20 47.50 -4.93
C CYS B 191 -26.48 47.02 -4.20
N LEU B 192 -26.34 46.07 -3.27
CA LEU B 192 -27.53 45.57 -2.58
C LEU B 192 -28.04 46.59 -1.56
N PHE B 193 -27.14 47.05 -0.69
CA PHE B 193 -27.47 48.08 0.30
C PHE B 193 -26.64 49.35 0.16
N ILE B 194 -27.23 50.48 0.54
CA ILE B 194 -26.52 51.74 0.57
C ILE B 194 -26.95 52.43 1.87
N LYS B 195 -25.96 52.79 2.68
CA LYS B 195 -26.20 53.20 4.05
C LYS B 195 -26.29 54.72 4.13
N ARG B 196 -27.29 55.23 4.86
CA ARG B 196 -27.40 56.67 5.10
C ARG B 196 -26.52 57.03 6.30
N THR B 197 -25.21 57.05 6.07
CA THR B 197 -24.21 57.44 7.05
C THR B 197 -23.57 58.80 6.64
N PRO B 198 -23.27 59.68 7.63
CA PRO B 198 -22.53 60.94 7.31
C PRO B 198 -21.13 60.65 6.72
N LEU B 199 -20.58 59.49 7.03
CA LEU B 199 -19.28 59.07 6.45
C LEU B 199 -19.24 58.94 4.92
N TRP B 200 -20.41 58.90 4.30
CA TRP B 200 -20.53 58.66 2.88
C TRP B 200 -19.85 59.72 2.03
N ASN B 201 -19.01 59.30 1.10
CA ASN B 201 -18.27 60.23 0.22
C ASN B 201 -19.04 60.61 -1.05
N GLY B 202 -20.27 60.13 -1.17
CA GLY B 202 -21.11 60.45 -2.35
C GLY B 202 -21.13 59.48 -3.53
N PHE B 203 -20.39 58.37 -3.44
CA PHE B 203 -20.39 57.35 -4.50
C PHE B 203 -21.76 56.64 -4.59
N LYS B 204 -22.39 56.77 -5.76
CA LYS B 204 -23.69 56.14 -6.06
C LYS B 204 -23.57 54.97 -7.02
N ALA B 205 -24.46 54.00 -6.85
CA ALA B 205 -24.51 52.85 -7.71
C ALA B 205 -25.60 53.10 -8.76
N ASP B 206 -25.57 52.32 -9.83
CA ASP B 206 -26.50 52.43 -10.96
C ASP B 206 -27.76 51.55 -10.80
N PHE B 207 -27.67 50.52 -9.95
CA PHE B 207 -28.79 49.65 -9.56
C PHE B 207 -28.58 49.44 -8.08
N VAL B 208 -29.61 49.68 -7.28
CA VAL B 208 -29.45 49.71 -5.83
C VAL B 208 -30.69 49.08 -5.16
N GLY B 209 -30.46 48.15 -4.23
CA GLY B 209 -31.54 47.37 -3.62
C GLY B 209 -32.31 48.14 -2.58
N PHE B 210 -31.63 48.48 -1.49
CA PHE B 210 -32.20 49.18 -0.33
C PHE B 210 -31.34 50.34 0.13
N SER B 211 -31.99 51.42 0.57
CA SER B 211 -31.36 52.47 1.36
C SER B 211 -31.66 52.19 2.83
N ILE B 212 -30.61 52.07 3.64
CA ILE B 212 -30.76 51.62 5.02
C ILE B 212 -30.24 52.64 6.06
N PRO B 213 -30.78 52.58 7.28
CA PRO B 213 -30.30 53.49 8.30
C PRO B 213 -28.87 53.18 8.67
N ASP B 214 -28.25 54.13 9.35
CA ASP B 214 -26.85 54.06 9.81
C ASP B 214 -26.70 53.15 11.04
N HIS B 215 -26.68 51.84 10.80
CA HIS B 215 -26.34 50.87 11.84
C HIS B 215 -25.53 49.82 11.16
N PHE B 216 -24.58 49.22 11.88
CA PHE B 216 -23.73 48.20 11.28
C PHE B 216 -24.59 46.96 11.18
N VAL B 217 -24.59 46.31 10.01
CA VAL B 217 -25.47 45.17 9.74
C VAL B 217 -24.68 43.89 9.46
N VAL B 218 -25.31 42.77 9.77
CA VAL B 218 -24.69 41.48 9.53
C VAL B 218 -25.71 40.58 8.90
N GLY B 219 -25.23 39.49 8.31
CA GLY B 219 -26.12 38.53 7.67
C GLY B 219 -26.10 38.68 6.16
N TYR B 220 -26.62 37.67 5.47
CA TYR B 220 -26.62 37.63 3.99
C TYR B 220 -25.22 37.87 3.41
N SER B 221 -24.22 37.22 4.04
CA SER B 221 -22.81 37.28 3.65
C SER B 221 -22.01 38.43 4.26
N LEU B 222 -22.69 39.35 4.96
CA LEU B 222 -21.99 40.46 5.58
C LEU B 222 -21.64 40.03 6.99
N ASP B 223 -20.40 40.31 7.39
CA ASP B 223 -19.84 39.84 8.65
C ASP B 223 -19.55 40.95 9.65
N TYR B 224 -19.32 40.53 10.89
CA TYR B 224 -18.53 41.31 11.83
C TYR B 224 -17.41 40.38 12.22
N ASN B 225 -16.19 40.78 11.85
CA ASN B 225 -14.99 39.99 12.07
C ASN B 225 -15.12 38.49 11.69
N GLU B 226 -15.70 38.23 10.53
CA GLU B 226 -15.87 36.89 9.95
C GLU B 226 -17.05 36.16 10.58
N ILE B 227 -17.74 36.82 11.53
CA ILE B 227 -18.92 36.20 12.13
C ILE B 227 -20.22 36.71 11.48
N PHE B 228 -21.27 35.87 11.54
CA PHE B 228 -22.63 36.20 11.07
C PHE B 228 -22.90 36.07 9.58
N ARG B 229 -21.91 35.67 8.78
CA ARG B 229 -22.16 35.64 7.34
C ARG B 229 -23.31 34.70 6.99
N ASP B 230 -23.43 33.65 7.78
CA ASP B 230 -24.37 32.56 7.53
C ASP B 230 -25.79 32.93 7.95
N LEU B 231 -25.92 34.04 8.66
CA LEU B 231 -27.22 34.52 9.08
C LEU B 231 -28.04 34.93 7.83
N ASP B 232 -29.26 34.38 7.73
CA ASP B 232 -30.10 34.56 6.54
C ASP B 232 -30.60 35.99 6.37
N HIS B 233 -31.01 36.63 7.46
CA HIS B 233 -31.55 37.97 7.41
C HIS B 233 -30.49 39.03 7.67
N CYS B 234 -30.71 40.20 7.09
CA CYS B 234 -29.93 41.38 7.40
C CYS B 234 -30.43 41.89 8.76
N CYS B 235 -29.57 41.82 9.77
CA CYS B 235 -29.90 42.26 11.13
C CYS B 235 -28.86 43.24 11.69
N LEU B 236 -29.20 43.95 12.76
CA LEU B 236 -28.24 44.82 13.41
C LEU B 236 -27.51 44.02 14.48
N VAL B 237 -26.16 43.97 14.43
CA VAL B 237 -25.38 43.46 15.56
C VAL B 237 -25.49 44.43 16.71
N ASN B 238 -25.72 43.91 17.92
CA ASN B 238 -25.72 44.78 19.10
C ASN B 238 -24.30 45.00 19.64
N ASP B 239 -24.19 45.83 20.68
CA ASP B 239 -22.89 46.21 21.20
C ASP B 239 -22.20 45.08 21.95
N GLU B 240 -23.00 44.24 22.58
CA GLU B 240 -22.49 43.02 23.21
C GLU B 240 -21.80 42.09 22.19
N GLY B 241 -22.43 41.92 21.04
CA GLY B 241 -21.82 41.12 19.93
C GLY B 241 -20.56 41.76 19.34
N LYS B 242 -20.58 43.09 19.21
CA LYS B 242 -19.41 43.88 18.77
C LYS B 242 -18.24 43.78 19.77
N LYS B 243 -18.55 43.79 21.06
CA LYS B 243 -17.52 43.62 22.08
C LYS B 243 -17.05 42.16 22.17
N LYS B 244 -18.00 41.23 22.20
CA LYS B 244 -17.67 39.80 22.21
C LYS B 244 -16.69 39.47 21.09
N TYR B 245 -17.00 39.87 19.85
CA TYR B 245 -16.18 39.50 18.67
C TYR B 245 -15.14 40.53 18.21
N LYS B 246 -14.89 41.55 19.01
CA LYS B 246 -13.82 42.52 18.73
C LYS B 246 -12.53 41.77 18.34
N ALA B 247 -11.86 42.26 17.30
CA ALA B 247 -10.58 41.72 16.84
C ALA B 247 -9.47 41.94 17.86
N PRO C 21 10.51 -59.66 -2.48
CA PRO C 21 9.09 -59.92 -2.26
C PRO C 21 8.51 -58.94 -1.24
N ILE C 22 7.19 -58.80 -1.20
CA ILE C 22 6.56 -57.90 -0.22
C ILE C 22 6.73 -58.47 1.21
N PRO C 23 7.29 -57.67 2.12
CA PRO C 23 7.58 -58.24 3.43
C PRO C 23 6.30 -58.66 4.14
N ASN C 24 6.41 -59.69 4.99
CA ASN C 24 5.27 -60.16 5.75
C ASN C 24 5.72 -60.93 6.98
N ASN C 25 6.76 -60.44 7.62
CA ASN C 25 7.13 -60.96 8.93
C ASN C 25 7.43 -59.80 9.87
N PRO C 26 6.36 -59.12 10.34
CA PRO C 26 6.52 -57.90 11.13
C PRO C 26 7.37 -58.14 12.39
N GLY C 27 8.53 -57.47 12.46
CA GLY C 27 9.45 -57.64 13.59
C GLY C 27 10.73 -58.35 13.20
N ALA C 28 10.65 -59.14 12.13
CA ALA C 28 11.83 -59.86 11.66
C ALA C 28 12.74 -59.01 10.80
N GLY C 29 12.17 -58.12 9.98
CA GLY C 29 12.96 -57.30 9.05
C GLY C 29 13.77 -58.18 8.12
N GLU C 30 13.15 -59.28 7.67
CA GLU C 30 13.82 -60.37 6.96
C GLU C 30 14.84 -60.01 5.89
N ASN C 31 14.53 -59.03 5.07
CA ASN C 31 15.39 -58.67 3.94
C ASN C 31 15.90 -57.21 3.94
N ALA C 32 15.78 -56.53 5.09
CA ALA C 32 16.02 -55.09 5.19
C ALA C 32 17.44 -54.67 4.84
N PHE C 33 17.55 -53.63 4.00
CA PHE C 33 18.85 -52.98 3.82
C PHE C 33 19.28 -52.40 5.15
N ASP C 34 20.59 -52.39 5.38
CA ASP C 34 21.16 -51.71 6.55
C ASP C 34 20.79 -50.25 6.59
N PRO C 35 20.58 -49.69 7.80
CA PRO C 35 20.39 -48.25 7.90
C PRO C 35 21.70 -47.48 7.80
N VAL C 36 21.61 -46.18 7.51
CA VAL C 36 22.71 -45.27 7.79
C VAL C 36 23.04 -45.44 9.28
N PHE C 37 24.30 -45.74 9.58
CA PHE C 37 24.75 -45.89 10.96
C PHE C 37 25.28 -44.56 11.46
N VAL C 38 24.56 -43.95 12.40
CA VAL C 38 25.04 -42.73 13.06
C VAL C 38 25.83 -43.19 14.30
N ASN C 39 27.11 -42.83 14.34
CA ASN C 39 28.01 -43.23 15.44
C ASN C 39 27.79 -42.49 16.74
N ASP C 40 28.21 -43.13 17.83
CA ASP C 40 28.08 -42.60 19.16
C ASP C 40 28.49 -41.11 19.23
N ASP C 41 29.57 -40.76 18.53
CA ASP C 41 30.11 -39.39 18.56
C ASP C 41 29.78 -38.55 17.32
N ASP C 42 28.86 -39.00 16.49
CA ASP C 42 28.45 -38.21 15.31
C ASP C 42 27.57 -37.07 15.75
N GLY C 43 27.51 -36.00 14.94
CA GLY C 43 26.72 -34.84 15.30
C GLY C 43 27.37 -33.52 14.95
N TYR C 44 26.69 -32.43 15.32
CA TYR C 44 27.10 -31.10 14.89
C TYR C 44 26.84 -30.09 15.98
N ASP C 45 27.67 -29.06 16.01
CA ASP C 45 27.44 -27.84 16.78
C ASP C 45 26.05 -27.27 16.50
N LEU C 46 25.44 -26.74 17.56
CA LEU C 46 24.17 -25.99 17.48
C LEU C 46 24.27 -24.73 16.61
N ASP C 47 25.46 -24.17 16.52
CA ASP C 47 25.70 -22.98 15.71
C ASP C 47 25.96 -23.29 14.23
N SER C 48 26.02 -24.58 13.88
CA SER C 48 26.28 -25.00 12.50
C SER C 48 25.08 -24.84 11.56
N PHE C 49 23.88 -24.90 12.13
CA PHE C 49 22.65 -24.90 11.37
C PHE C 49 21.71 -23.95 12.06
N MET C 50 20.56 -23.70 11.43
CA MET C 50 19.49 -22.92 12.05
C MET C 50 18.82 -23.74 13.15
N ILE C 51 18.64 -23.09 14.30
CA ILE C 51 18.03 -23.66 15.48
C ILE C 51 17.20 -22.53 16.09
N PRO C 52 15.90 -22.79 16.35
CA PRO C 52 15.06 -21.76 17.00
C PRO C 52 15.79 -21.38 18.27
N ALA C 53 15.98 -20.08 18.48
CA ALA C 53 16.89 -19.62 19.53
C ALA C 53 16.48 -20.11 20.91
N HIS C 54 15.18 -20.14 21.17
CA HIS C 54 14.65 -20.60 22.46
C HIS C 54 14.88 -22.09 22.78
N TYR C 55 15.22 -22.91 21.78
CA TYR C 55 15.50 -24.32 22.04
C TYR C 55 16.96 -24.60 22.37
N LYS C 56 17.86 -23.74 21.89
CA LYS C 56 19.31 -23.98 22.00
C LYS C 56 19.76 -24.44 23.38
N LYS C 57 19.25 -23.79 24.43
CA LYS C 57 19.68 -24.11 25.81
C LYS C 57 19.26 -25.51 26.29
N TYR C 58 18.30 -26.13 25.59
CA TYR C 58 17.75 -27.45 25.95
C TYR C 58 18.27 -28.57 25.06
N LEU C 59 19.24 -28.24 24.22
CA LEU C 59 19.83 -29.19 23.29
C LEU C 59 21.33 -29.28 23.53
N THR C 60 21.87 -30.48 23.50
CA THR C 60 23.31 -30.65 23.57
C THR C 60 23.96 -30.55 22.17
N LYS C 61 23.26 -31.05 21.14
CA LYS C 61 23.79 -31.04 19.77
C LYS C 61 22.78 -31.52 18.74
N VAL C 62 23.11 -31.32 17.46
CA VAL C 62 22.29 -31.82 16.37
C VAL C 62 22.86 -33.19 16.08
N LEU C 63 21.99 -34.19 16.00
CA LEU C 63 22.46 -35.53 15.66
C LEU C 63 22.38 -35.71 14.15
N VAL C 64 21.19 -35.52 13.58
CA VAL C 64 21.00 -35.66 12.13
C VAL C 64 20.22 -34.45 11.64
N PRO C 65 20.84 -33.65 10.73
CA PRO C 65 20.24 -32.48 10.09
C PRO C 65 18.98 -32.79 9.30
N ASN C 66 18.02 -31.87 9.30
CA ASN C 66 16.76 -31.97 8.49
C ASN C 66 17.01 -32.44 7.07
N GLY C 67 18.00 -31.84 6.42
CA GLY C 67 18.33 -32.18 5.03
C GLY C 67 18.75 -33.64 4.79
N VAL C 68 19.63 -34.18 5.65
CA VAL C 68 19.99 -35.57 5.50
CA VAL C 68 20.02 -35.60 5.62
C VAL C 68 18.81 -36.50 5.87
N ILE C 69 17.96 -36.07 6.80
CA ILE C 69 16.75 -36.83 7.10
C ILE C 69 15.91 -36.93 5.81
N LYS C 70 15.59 -35.79 5.20
CA LYS C 70 14.84 -35.78 3.92
C LYS C 70 15.48 -36.64 2.80
N ASN C 71 16.79 -36.54 2.62
CA ASN C 71 17.50 -37.29 1.55
C ASN C 71 17.41 -38.79 1.77
N ARG C 72 17.61 -39.20 3.01
CA ARG C 72 17.44 -40.59 3.40
C ARG C 72 16.03 -41.10 3.13
N ILE C 73 15.04 -40.29 3.47
CA ILE C 73 13.64 -40.68 3.24
C ILE C 73 13.33 -40.85 1.76
N GLU C 74 13.93 -40.00 0.93
CA GLU C 74 13.77 -40.15 -0.50
C GLU C 74 14.25 -41.56 -0.90
N LYS C 75 15.37 -41.99 -0.33
CA LYS C 75 15.92 -43.28 -0.70
C LYS C 75 15.07 -44.44 -0.16
N LEU C 76 14.52 -44.30 1.04
CA LEU C 76 13.56 -45.28 1.57
C LEU C 76 12.34 -45.40 0.64
N ALA C 77 11.78 -44.26 0.21
CA ALA C 77 10.70 -44.21 -0.81
C ALA C 77 11.08 -45.00 -2.06
N TYR C 78 12.32 -44.85 -2.51
CA TYR C 78 12.80 -45.58 -3.66
C TYR C 78 12.83 -47.08 -3.35
N ASP C 79 13.45 -47.47 -2.23
CA ASP C 79 13.41 -48.86 -1.78
C ASP C 79 12.01 -49.44 -1.68
N ILE C 80 11.05 -48.65 -1.21
CA ILE C 80 9.68 -49.12 -1.02
C ILE C 80 8.99 -49.37 -2.37
N LYS C 81 9.06 -48.36 -3.23
CA LYS C 81 8.57 -48.47 -4.60
C LYS C 81 9.17 -49.68 -5.31
N LYS C 82 10.45 -49.93 -5.09
CA LYS C 82 11.14 -51.06 -5.74
C LYS C 82 10.60 -52.43 -5.31
N VAL C 83 10.13 -52.55 -4.06
CA VAL C 83 9.58 -53.81 -3.57
C VAL C 83 8.15 -54.03 -4.06
N TYR C 84 7.29 -53.07 -3.79
CA TYR C 84 5.86 -53.15 -4.09
C TYR C 84 5.54 -53.00 -5.58
N ASN C 85 6.40 -52.27 -6.30
CA ASN C 85 6.19 -51.93 -7.71
C ASN C 85 4.84 -51.23 -7.96
N ASN C 86 3.91 -51.90 -8.65
CA ASN C 86 2.57 -51.31 -8.84
C ASN C 86 1.50 -51.92 -7.96
N GLU C 87 1.93 -52.80 -7.06
CA GLU C 87 1.02 -53.49 -6.16
C GLU C 87 0.49 -52.48 -5.15
N GLU C 88 -0.83 -52.28 -5.18
CA GLU C 88 -1.50 -51.40 -4.21
C GLU C 88 -1.21 -51.79 -2.74
N PHE C 89 -0.91 -50.80 -1.92
CA PHE C 89 -0.71 -51.01 -0.50
C PHE C 89 -1.23 -49.83 0.28
N HIS C 90 -1.37 -50.01 1.58
CA HIS C 90 -1.96 -48.98 2.42
C HIS C 90 -1.00 -48.55 3.51
N ILE C 91 -0.78 -47.24 3.59
CA ILE C 91 0.28 -46.66 4.39
C ILE C 91 -0.38 -46.07 5.62
N LEU C 92 0.16 -46.38 6.78
CA LEU C 92 -0.53 -46.15 8.02
C LEU C 92 0.41 -45.34 8.93
N CYS C 93 0.05 -44.08 9.17
CA CYS C 93 0.87 -43.16 9.94
C CYS C 93 0.57 -43.29 11.42
N LEU C 94 1.59 -43.57 12.22
CA LEU C 94 1.44 -43.69 13.66
C LEU C 94 1.65 -42.30 14.28
N LEU C 95 0.54 -41.65 14.59
CA LEU C 95 0.57 -40.29 15.14
C LEU C 95 1.03 -40.31 16.60
N LYS C 96 1.59 -39.20 17.13
CA LYS C 96 1.77 -37.92 16.45
C LYS C 96 3.15 -37.84 15.80
N GLY C 97 4.11 -38.52 16.39
CA GLY C 97 5.50 -38.38 16.01
C GLY C 97 5.96 -38.80 14.61
N SER C 98 5.18 -39.64 13.91
CA SER C 98 5.61 -40.13 12.59
CA SER C 98 5.61 -40.11 12.59
C SER C 98 5.14 -39.18 11.47
N ARG C 99 4.44 -38.11 11.86
CA ARG C 99 3.89 -37.12 10.92
C ARG C 99 4.87 -36.56 9.86
N GLY C 100 6.10 -36.24 10.26
CA GLY C 100 7.10 -35.67 9.33
C GLY C 100 7.62 -36.75 8.40
N PHE C 101 8.05 -37.86 8.98
CA PHE C 101 8.49 -39.07 8.25
C PHE C 101 7.45 -39.49 7.21
N PHE C 102 6.24 -39.76 7.67
CA PHE C 102 5.07 -40.02 6.84
C PHE C 102 4.87 -39.05 5.66
N THR C 103 4.76 -37.75 5.91
CA THR C 103 4.45 -36.80 4.84
C THR C 103 5.60 -36.60 3.84
N ALA C 104 6.85 -36.69 4.30
CA ALA C 104 8.00 -36.66 3.38
C ALA C 104 8.09 -37.97 2.59
N LEU C 105 7.71 -39.06 3.24
CA LEU C 105 7.67 -40.34 2.56
C LEU C 105 6.62 -40.42 1.42
N LEU C 106 5.43 -39.88 1.67
CA LEU C 106 4.38 -39.91 0.64
C LEU C 106 4.70 -38.99 -0.54
N LYS C 107 5.36 -37.87 -0.28
CA LYS C 107 5.83 -36.96 -1.32
C LYS C 107 6.77 -37.70 -2.28
N HIS C 108 7.75 -38.38 -1.71
CA HIS C 108 8.73 -39.03 -2.55
C HIS C 108 8.17 -40.25 -3.28
N LEU C 109 7.33 -41.05 -2.62
CA LEU C 109 6.66 -42.18 -3.28
C LEU C 109 5.77 -41.70 -4.41
N SER C 110 5.03 -40.62 -4.18
CA SER C 110 4.08 -40.11 -5.16
C SER C 110 4.77 -39.59 -6.40
N ARG C 111 5.94 -38.98 -6.22
CA ARG C 111 6.73 -38.48 -7.32
C ARG C 111 7.35 -39.64 -8.10
N ILE C 112 7.99 -40.54 -7.37
CA ILE C 112 8.62 -41.73 -7.96
C ILE C 112 7.59 -42.51 -8.78
N HIS C 113 6.46 -42.88 -8.16
CA HIS C 113 5.36 -43.56 -8.83
C HIS C 113 4.80 -42.80 -10.03
N ASN C 114 4.58 -41.49 -9.86
CA ASN C 114 3.97 -40.67 -10.90
C ASN C 114 4.87 -40.41 -12.11
N TYR C 115 6.14 -40.14 -11.84
CA TYR C 115 7.15 -39.95 -12.88
C TYR C 115 7.27 -41.15 -13.82
N SER C 116 7.01 -42.35 -13.30
CA SER C 116 7.07 -43.57 -14.10
C SER C 116 5.68 -44.12 -14.45
N ALA C 117 4.65 -43.33 -14.17
CA ALA C 117 3.27 -43.78 -14.40
C ALA C 117 2.86 -43.51 -15.84
N VAL C 118 1.93 -44.34 -16.30
CA VAL C 118 1.47 -44.28 -17.67
C VAL C 118 -0.03 -44.17 -17.57
N GLU C 119 -0.69 -43.78 -18.65
CA GLU C 119 -2.13 -43.50 -18.69
C GLU C 119 -3.01 -44.68 -18.19
N THR C 120 -2.59 -45.93 -18.45
CA THR C 120 -3.24 -47.12 -17.92
C THR C 120 -2.66 -47.60 -16.57
N SER C 121 -1.85 -46.76 -15.91
CA SER C 121 -1.42 -47.07 -14.55
C SER C 121 -2.58 -46.88 -13.58
N LYS C 122 -2.29 -47.06 -12.30
CA LYS C 122 -3.28 -46.97 -11.23
C LYS C 122 -2.57 -46.33 -10.04
N PRO C 123 -3.35 -45.75 -9.09
CA PRO C 123 -2.70 -45.21 -7.89
C PRO C 123 -1.95 -46.31 -7.15
N LEU C 124 -0.87 -45.93 -6.49
CA LEU C 124 -0.06 -46.83 -5.70
C LEU C 124 -0.61 -47.07 -4.30
N PHE C 125 -1.11 -46.03 -3.62
CA PHE C 125 -1.41 -46.20 -2.20
C PHE C 125 -2.64 -45.49 -1.63
N GLY C 126 -3.15 -46.09 -0.57
CA GLY C 126 -4.10 -45.44 0.33
C GLY C 126 -3.39 -45.00 1.58
N GLU C 127 -3.96 -43.99 2.23
CA GLU C 127 -3.38 -43.41 3.44
C GLU C 127 -4.33 -43.53 4.64
N HIS C 128 -3.76 -43.78 5.81
CA HIS C 128 -4.51 -44.01 7.04
C HIS C 128 -3.76 -43.48 8.25
N TYR C 129 -4.49 -43.21 9.33
CA TYR C 129 -3.94 -42.60 10.50
C TYR C 129 -4.41 -43.29 11.77
N VAL C 130 -3.47 -43.54 12.67
CA VAL C 130 -3.79 -44.11 13.99
C VAL C 130 -2.97 -43.40 15.05
N ARG C 131 -3.62 -42.85 16.06
CA ARG C 131 -2.91 -42.19 17.14
C ARG C 131 -2.54 -43.22 18.19
N VAL C 132 -1.28 -43.21 18.59
CA VAL C 132 -0.75 -44.22 19.49
C VAL C 132 0.19 -43.52 20.45
N LYS C 133 0.10 -43.88 21.74
CA LYS C 133 0.78 -43.12 22.79
C LYS C 133 1.23 -44.05 23.92
N SER C 134 2.47 -43.92 24.38
CA SER C 134 2.97 -44.78 25.47
C SER C 134 3.98 -44.10 26.35
N TYR C 135 4.60 -43.02 25.86
CA TYR C 135 5.66 -42.32 26.61
C TYR C 135 5.22 -41.20 27.55
N CYS C 136 5.97 -41.12 28.63
CA CYS C 136 5.93 -40.06 29.61
C CYS C 136 7.39 -39.68 29.86
N ASN C 137 7.69 -38.39 29.78
CA ASN C 137 9.07 -37.92 29.74
C ASN C 137 9.88 -38.65 28.67
N ASP C 138 10.99 -39.29 29.07
CA ASP C 138 11.81 -40.05 28.15
C ASP C 138 11.64 -41.57 28.27
N GLN C 139 10.56 -41.99 28.94
CA GLN C 139 10.33 -43.42 29.15
C GLN C 139 8.89 -43.85 28.88
N SER C 140 8.75 -45.04 28.33
CA SER C 140 7.47 -45.72 28.15
C SER C 140 6.85 -46.05 29.49
N THR C 141 5.54 -45.86 29.59
CA THR C 141 4.79 -46.33 30.75
C THR C 141 4.58 -47.85 30.67
N GLY C 142 4.83 -48.43 29.50
CA GLY C 142 4.52 -49.83 29.28
C GLY C 142 3.10 -50.12 28.78
N THR C 143 2.25 -49.10 28.78
CA THR C 143 0.91 -49.24 28.22
C THR C 143 0.76 -48.50 26.88
N LEU C 144 0.28 -49.18 25.85
CA LEU C 144 0.00 -48.54 24.57
C LEU C 144 -1.45 -48.08 24.46
N GLU C 145 -1.64 -46.76 24.44
CA GLU C 145 -2.94 -46.20 24.15
C GLU C 145 -3.13 -46.19 22.62
N ILE C 146 -4.23 -46.75 22.13
CA ILE C 146 -4.51 -46.75 20.71
C ILE C 146 -5.88 -46.10 20.47
N VAL C 147 -5.91 -44.97 19.76
CA VAL C 147 -7.18 -44.29 19.51
C VAL C 147 -7.82 -45.00 18.33
N SER C 148 -8.76 -45.93 18.63
CA SER C 148 -9.22 -46.87 17.61
C SER C 148 -10.16 -46.26 16.57
N GLU C 149 -9.82 -46.53 15.30
CA GLU C 149 -10.64 -46.21 14.14
C GLU C 149 -10.86 -47.53 13.39
N ASP C 150 -12.02 -47.68 12.75
CA ASP C 150 -12.32 -48.96 12.12
C ASP C 150 -11.39 -49.23 10.95
N LEU C 151 -10.46 -50.16 11.15
CA LEU C 151 -9.49 -50.51 10.12
C LEU C 151 -9.93 -51.75 9.34
N SER C 152 -11.24 -52.01 9.33
CA SER C 152 -11.77 -53.17 8.62
C SER C 152 -11.62 -53.01 7.10
N CYS C 153 -11.58 -51.76 6.63
CA CYS C 153 -11.23 -51.46 5.23
C CYS C 153 -9.86 -52.02 4.80
N LEU C 154 -8.99 -52.32 5.77
CA LEU C 154 -7.68 -52.94 5.55
C LEU C 154 -7.70 -54.46 5.41
N LYS C 155 -8.89 -55.04 5.58
CA LYS C 155 -9.05 -56.48 5.42
C LYS C 155 -8.59 -56.86 4.03
N GLY C 156 -7.65 -57.81 3.97
CA GLY C 156 -7.16 -58.31 2.68
C GLY C 156 -6.19 -57.35 2.00
N LYS C 157 -5.77 -56.30 2.71
CA LYS C 157 -4.87 -55.29 2.14
C LYS C 157 -3.41 -55.52 2.51
N HIS C 158 -2.50 -55.09 1.63
CA HIS C 158 -1.09 -54.94 1.97
C HIS C 158 -0.96 -53.65 2.79
N VAL C 159 -0.42 -53.74 4.01
CA VAL C 159 -0.20 -52.52 4.78
C VAL C 159 1.27 -52.25 5.08
N LEU C 160 1.60 -50.96 5.16
CA LEU C 160 2.93 -50.55 5.49
C LEU C 160 2.82 -49.60 6.67
N ILE C 161 3.35 -50.01 7.81
CA ILE C 161 3.33 -49.19 9.01
C ILE C 161 4.47 -48.17 8.96
N VAL C 162 4.16 -46.90 9.23
CA VAL C 162 5.16 -45.85 9.18
C VAL C 162 5.40 -45.33 10.58
N GLU C 163 6.62 -45.54 11.06
CA GLU C 163 6.96 -45.31 12.45
C GLU C 163 8.23 -44.45 12.58
N ASP C 164 8.12 -43.34 13.29
CA ASP C 164 9.27 -42.44 13.49
C ASP C 164 10.50 -43.12 14.11
N ILE C 165 10.28 -43.93 15.14
CA ILE C 165 11.39 -44.52 15.89
C ILE C 165 11.00 -45.85 16.55
N ILE C 166 11.88 -46.84 16.41
CA ILE C 166 11.82 -48.01 17.23
C ILE C 166 12.84 -47.82 18.37
N ASP C 167 12.38 -48.01 19.60
CA ASP C 167 13.22 -47.77 20.76
C ASP C 167 13.18 -49.05 21.62
N THR C 168 12.13 -49.23 22.41
CA THR C 168 11.94 -50.48 23.18
C THR C 168 11.40 -51.58 22.28
N GLY C 169 10.73 -51.17 21.21
CA GLY C 169 9.95 -52.06 20.39
C GLY C 169 8.56 -52.37 20.92
N LYS C 170 8.13 -51.74 22.02
CA LYS C 170 6.81 -52.03 22.60
C LYS C 170 5.66 -51.58 21.72
N THR C 171 5.76 -50.35 21.20
CA THR C 171 4.72 -49.81 20.33
C THR C 171 4.35 -50.78 19.20
N LEU C 172 5.34 -51.23 18.44
CA LEU C 172 5.06 -52.02 17.26
C LEU C 172 4.57 -53.42 17.59
N VAL C 173 5.22 -54.09 18.55
CA VAL C 173 4.78 -55.43 18.96
C VAL C 173 3.29 -55.42 19.28
N LYS C 174 2.87 -54.44 20.06
CA LYS C 174 1.51 -54.38 20.50
C LYS C 174 0.58 -53.90 19.41
N PHE C 175 1.07 -53.02 18.55
CA PHE C 175 0.22 -52.52 17.48
C PHE C 175 0.04 -53.59 16.42
N CYS C 176 1.09 -54.33 16.11
CA CYS C 176 0.97 -55.44 15.15
C CYS C 176 0.01 -56.50 15.68
N GLU C 177 0.03 -56.71 16.99
CA GLU C 177 -0.91 -57.64 17.61
C GLU C 177 -2.35 -57.15 17.46
N TYR C 178 -2.56 -55.86 17.73
CA TYR C 178 -3.85 -55.19 17.60
C TYR C 178 -4.39 -55.24 16.17
N LEU C 179 -3.47 -55.23 15.19
CA LEU C 179 -3.83 -55.30 13.77
C LEU C 179 -4.39 -56.66 13.34
N LYS C 180 -3.97 -57.72 14.01
CA LYS C 180 -4.37 -59.08 13.61
C LYS C 180 -5.88 -59.24 13.50
N LYS C 181 -6.61 -58.54 14.37
CA LYS C 181 -8.05 -58.39 14.34
C LYS C 181 -8.58 -58.25 12.92
N PHE C 182 -7.98 -57.34 12.16
CA PHE C 182 -8.59 -56.84 10.94
C PHE C 182 -8.31 -57.68 9.71
N GLU C 183 -7.57 -58.78 9.89
CA GLU C 183 -7.30 -59.74 8.80
C GLU C 183 -6.64 -59.09 7.59
N ILE C 184 -5.52 -58.44 7.86
CA ILE C 184 -4.75 -57.76 6.84
C ILE C 184 -3.99 -58.83 6.06
N LYS C 185 -3.76 -58.60 4.77
CA LYS C 185 -3.03 -59.59 3.95
C LYS C 185 -1.55 -59.67 4.35
N THR C 186 -0.94 -58.51 4.56
CA THR C 186 0.50 -58.39 4.72
C THR C 186 0.85 -57.21 5.63
N VAL C 187 1.85 -57.37 6.50
CA VAL C 187 2.28 -56.24 7.32
C VAL C 187 3.77 -55.96 7.19
N ALA C 188 4.10 -54.79 6.66
CA ALA C 188 5.48 -54.34 6.57
C ALA C 188 5.72 -53.10 7.45
N ILE C 189 6.96 -52.94 7.90
CA ILE C 189 7.33 -51.79 8.73
C ILE C 189 8.42 -50.94 8.10
N ALA C 190 8.16 -49.65 8.03
CA ALA C 190 9.10 -48.61 7.63
C ALA C 190 9.33 -47.75 8.83
N CYS C 191 10.58 -47.45 9.13
CA CYS C 191 10.89 -46.70 10.33
C CYS C 191 12.09 -45.78 10.10
N LEU C 192 12.00 -44.54 10.59
CA LEU C 192 13.00 -43.53 10.31
C LEU C 192 14.28 -43.75 11.15
N PHE C 193 14.12 -43.87 12.48
CA PHE C 193 15.25 -44.09 13.39
C PHE C 193 15.07 -45.38 14.13
N ILE C 194 16.18 -46.08 14.41
CA ILE C 194 16.16 -47.21 15.32
C ILE C 194 17.29 -47.00 16.31
N LYS C 195 16.99 -47.10 17.60
CA LYS C 195 17.93 -46.75 18.63
C LYS C 195 18.72 -47.93 19.14
N ARG C 196 20.02 -47.75 19.30
CA ARG C 196 20.88 -48.75 19.90
C ARG C 196 20.79 -48.70 21.42
N THR C 197 19.64 -49.11 21.95
CA THR C 197 19.39 -49.11 23.39
C THR C 197 19.31 -50.54 23.98
N PRO C 198 19.81 -50.73 25.22
CA PRO C 198 19.66 -52.04 25.87
C PRO C 198 18.19 -52.41 26.14
N LEU C 199 17.28 -51.43 26.08
CA LEU C 199 15.83 -51.69 26.25
C LEU C 199 15.16 -52.41 25.08
N TRP C 200 15.86 -52.53 23.95
CA TRP C 200 15.28 -52.97 22.67
C TRP C 200 14.93 -54.46 22.72
N ASN C 201 13.74 -54.79 22.20
CA ASN C 201 13.20 -56.14 22.30
C ASN C 201 13.48 -57.00 21.07
N GLY C 202 14.26 -56.47 20.13
CA GLY C 202 14.64 -57.18 18.90
C GLY C 202 13.71 -56.98 17.69
N PHE C 203 12.70 -56.12 17.82
CA PHE C 203 11.75 -55.88 16.74
C PHE C 203 12.43 -55.01 15.67
N LYS C 204 12.60 -55.61 14.49
CA LYS C 204 13.25 -54.97 13.35
C LYS C 204 12.27 -54.52 12.28
N ALA C 205 12.53 -53.36 11.68
CA ALA C 205 11.75 -52.89 10.52
C ALA C 205 12.26 -53.48 9.21
N ASP C 206 11.41 -53.47 8.19
CA ASP C 206 11.77 -53.85 6.83
C ASP C 206 12.45 -52.74 6.02
N PHE C 207 12.19 -51.48 6.37
CA PHE C 207 12.89 -50.36 5.75
C PHE C 207 13.25 -49.40 6.86
N VAL C 208 14.55 -49.09 6.98
CA VAL C 208 15.01 -48.35 8.13
C VAL C 208 16.00 -47.27 7.72
N GLY C 209 15.74 -46.06 8.20
CA GLY C 209 16.53 -44.89 7.83
C GLY C 209 17.90 -44.79 8.49
N PHE C 210 17.90 -44.70 9.83
CA PHE C 210 19.12 -44.44 10.61
C PHE C 210 19.18 -45.33 11.84
N SER C 211 20.37 -45.86 12.14
CA SER C 211 20.64 -46.47 13.46
C SER C 211 21.32 -45.40 14.27
N ILE C 212 20.73 -45.09 15.41
CA ILE C 212 21.20 -43.98 16.24
C ILE C 212 21.72 -44.45 17.63
N PRO C 213 22.60 -43.63 18.27
CA PRO C 213 23.06 -44.06 19.60
C PRO C 213 21.95 -43.89 20.64
N ASP C 214 22.24 -44.27 21.88
CA ASP C 214 21.25 -44.33 22.94
C ASP C 214 21.11 -43.00 23.67
N HIS C 215 20.43 -42.05 23.04
CA HIS C 215 20.07 -40.78 23.67
C HIS C 215 18.66 -40.42 23.23
N PHE C 216 17.94 -39.66 24.05
CA PHE C 216 16.58 -39.27 23.75
C PHE C 216 16.55 -38.08 22.77
N VAL C 217 15.90 -38.30 21.63
CA VAL C 217 16.00 -37.33 20.53
C VAL C 217 14.77 -36.50 20.39
N VAL C 218 14.95 -35.28 19.90
CA VAL C 218 13.80 -34.46 19.64
C VAL C 218 13.89 -33.84 18.24
N GLY C 219 12.74 -33.43 17.72
CA GLY C 219 12.72 -32.74 16.44
C GLY C 219 12.19 -33.66 15.36
N TYR C 220 11.97 -33.07 14.18
CA TYR C 220 11.35 -33.76 13.06
C TYR C 220 10.06 -34.46 13.51
N SER C 221 9.21 -33.77 14.25
CA SER C 221 7.96 -34.34 14.79
C SER C 221 8.13 -35.17 16.06
N LEU C 222 9.37 -35.42 16.52
CA LEU C 222 9.54 -36.07 17.83
C LEU C 222 9.54 -35.08 18.98
N ASP C 223 8.80 -35.40 20.03
CA ASP C 223 8.68 -34.50 21.17
C ASP C 223 9.36 -35.05 22.41
N TYR C 224 9.45 -34.16 23.38
CA TYR C 224 9.61 -34.48 24.77
C TYR C 224 8.43 -33.79 25.44
N ASN C 225 7.41 -34.56 25.85
CA ASN C 225 6.18 -34.02 26.46
C ASN C 225 5.58 -32.85 25.66
N GLU C 226 5.44 -33.11 24.36
CA GLU C 226 4.84 -32.23 23.36
C GLU C 226 5.70 -31.04 22.95
N ILE C 227 6.88 -30.92 23.54
CA ILE C 227 7.81 -29.88 23.12
C ILE C 227 8.73 -30.42 22.04
N PHE C 228 9.17 -29.51 21.16
CA PHE C 228 10.23 -29.75 20.15
C PHE C 228 9.77 -30.37 18.81
N ARG C 229 8.47 -30.54 18.59
CA ARG C 229 8.01 -31.23 17.38
C ARG C 229 8.35 -30.44 16.14
N ASP C 230 8.29 -29.10 16.30
CA ASP C 230 8.49 -28.12 15.25
C ASP C 230 9.95 -27.92 14.89
N LEU C 231 10.86 -28.41 15.75
CA LEU C 231 12.30 -28.36 15.48
C LEU C 231 12.70 -29.20 14.24
N ASP C 232 13.41 -28.58 13.30
CA ASP C 232 13.68 -29.19 11.99
C ASP C 232 14.64 -30.38 12.01
N HIS C 233 15.69 -30.29 12.84
CA HIS C 233 16.76 -31.28 12.86
C HIS C 233 16.57 -32.27 14.00
N CYS C 234 17.02 -33.53 13.82
CA CYS C 234 17.03 -34.52 14.90
C CYS C 234 18.16 -34.11 15.88
N CYS C 235 17.80 -33.77 17.11
CA CYS C 235 18.74 -33.26 18.10
C CYS C 235 18.63 -34.03 19.41
N LEU C 236 19.65 -33.91 20.27
CA LEU C 236 19.59 -34.52 21.61
C LEU C 236 19.08 -33.48 22.63
N VAL C 237 18.06 -33.83 23.42
CA VAL C 237 17.66 -32.96 24.53
C VAL C 237 18.66 -33.15 25.66
N ASN C 238 19.04 -32.05 26.31
CA ASN C 238 19.94 -32.12 27.43
C ASN C 238 19.17 -32.26 28.75
N ASP C 239 19.89 -32.42 29.84
CA ASP C 239 19.24 -32.63 31.13
C ASP C 239 18.48 -31.39 31.60
N GLU C 240 18.92 -30.22 31.17
CA GLU C 240 18.21 -28.96 31.47
C GLU C 240 16.83 -29.00 30.82
N GLY C 241 16.77 -29.54 29.60
CA GLY C 241 15.53 -29.63 28.83
C GLY C 241 14.61 -30.67 29.42
N LYS C 242 15.19 -31.81 29.75
CA LYS C 242 14.45 -32.91 30.37
C LYS C 242 13.85 -32.48 31.71
N LYS C 243 14.58 -31.64 32.44
CA LYS C 243 14.14 -31.16 33.76
C LYS C 243 13.08 -30.08 33.60
N LYS C 244 13.36 -29.09 32.78
CA LYS C 244 12.41 -28.00 32.48
C LYS C 244 11.03 -28.54 32.08
N TYR C 245 10.97 -29.46 31.12
CA TYR C 245 9.69 -29.85 30.54
C TYR C 245 9.12 -31.16 31.09
N LYS C 246 9.67 -31.61 32.21
CA LYS C 246 9.25 -32.85 32.86
C LYS C 246 7.73 -32.88 33.12
N ALA C 247 7.13 -34.04 32.95
CA ALA C 247 5.68 -34.18 32.98
C ALA C 247 5.13 -34.06 34.40
N THR C 248 4.12 -33.24 34.57
CA THR C 248 3.36 -33.23 35.84
C THR C 248 2.34 -34.38 35.85
N SER C 249 1.63 -34.57 34.74
CA SER C 249 0.63 -35.63 34.56
C SER C 249 1.08 -36.74 33.60
N LEU C 250 0.27 -37.81 33.51
CA LEU C 250 0.62 -39.02 32.75
C LEU C 250 0.17 -39.11 31.28
N MET D 20 29.86 -8.48 14.85
CA MET D 20 30.97 -8.57 13.85
C MET D 20 30.82 -7.58 12.69
N PRO D 21 31.91 -6.84 12.36
CA PRO D 21 31.84 -5.82 11.31
C PRO D 21 31.83 -6.41 9.90
N ILE D 22 31.55 -5.57 8.92
CA ILE D 22 31.66 -5.93 7.51
C ILE D 22 33.13 -6.21 7.21
N PRO D 23 33.43 -7.41 6.72
CA PRO D 23 34.83 -7.74 6.47
C PRO D 23 35.42 -6.85 5.40
N ASN D 24 36.68 -6.47 5.59
CA ASN D 24 37.45 -5.80 4.56
C ASN D 24 38.95 -6.13 4.56
N ASN D 25 39.25 -7.41 4.71
CA ASN D 25 40.59 -7.88 4.59
C ASN D 25 40.59 -9.21 3.85
N PRO D 26 40.38 -9.15 2.51
CA PRO D 26 40.21 -10.35 1.69
C PRO D 26 41.36 -11.35 1.82
N GLY D 27 41.04 -12.56 2.28
CA GLY D 27 42.03 -13.61 2.47
C GLY D 27 42.44 -13.82 3.91
N ALA D 28 42.22 -12.82 4.75
CA ALA D 28 42.49 -12.93 6.18
C ALA D 28 41.44 -13.74 6.90
N GLY D 29 40.18 -13.62 6.45
CA GLY D 29 39.06 -14.22 7.17
C GLY D 29 39.06 -13.84 8.64
N GLU D 30 39.24 -12.54 8.86
CA GLU D 30 39.61 -11.96 10.15
C GLU D 30 38.81 -12.48 11.33
N ASN D 31 37.49 -12.38 11.25
CA ASN D 31 36.67 -12.84 12.38
C ASN D 31 35.65 -13.89 11.97
N ALA D 32 36.07 -14.79 11.07
CA ALA D 32 35.21 -15.84 10.51
C ALA D 32 34.85 -16.90 11.55
N PHE D 33 33.61 -17.38 11.49
CA PHE D 33 33.21 -18.50 12.32
C PHE D 33 33.79 -19.77 11.74
N ASP D 34 33.98 -20.74 12.60
CA ASP D 34 34.47 -22.03 12.18
C ASP D 34 33.53 -22.64 11.15
N PRO D 35 34.12 -23.32 10.14
CA PRO D 35 33.25 -24.10 9.25
C PRO D 35 32.77 -25.34 9.99
N VAL D 36 31.76 -26.02 9.43
CA VAL D 36 31.48 -27.41 9.85
C VAL D 36 32.67 -28.31 9.46
N PHE D 37 33.28 -28.96 10.45
CA PHE D 37 34.45 -29.77 10.23
C PHE D 37 34.01 -31.17 9.77
N VAL D 38 34.39 -31.53 8.55
CA VAL D 38 34.16 -32.87 8.03
C VAL D 38 35.45 -33.64 8.21
N ASN D 39 35.40 -34.73 8.99
CA ASN D 39 36.60 -35.53 9.26
C ASN D 39 37.05 -36.32 8.05
N ASP D 40 38.31 -36.76 8.08
CA ASP D 40 38.90 -37.49 6.98
C ASP D 40 38.15 -38.76 6.66
N ASP D 41 37.56 -39.39 7.68
CA ASP D 41 36.92 -40.69 7.52
C ASP D 41 35.38 -40.59 7.40
N ASP D 42 34.85 -39.37 7.47
CA ASP D 42 33.40 -39.11 7.39
C ASP D 42 32.83 -39.38 6.01
N GLY D 43 31.54 -39.69 5.96
CA GLY D 43 30.86 -39.98 4.68
C GLY D 43 29.82 -41.09 4.76
N TYR D 44 29.21 -41.40 3.61
CA TYR D 44 28.12 -42.36 3.53
C TYR D 44 28.33 -43.25 2.30
N ASP D 45 27.81 -44.47 2.37
CA ASP D 45 27.77 -45.39 1.25
C ASP D 45 26.90 -44.80 0.16
N LEU D 46 27.14 -45.26 -1.05
CA LEU D 46 26.41 -44.76 -2.20
C LEU D 46 24.95 -45.20 -2.16
N ASP D 47 24.68 -46.33 -1.52
CA ASP D 47 23.33 -46.87 -1.44
C ASP D 47 22.49 -46.26 -0.31
N SER D 48 23.09 -45.34 0.45
CA SER D 48 22.37 -44.62 1.49
C SER D 48 21.39 -43.61 0.93
N PHE D 49 21.75 -42.98 -0.17
CA PHE D 49 20.97 -41.88 -0.72
C PHE D 49 20.70 -42.11 -2.20
N MET D 50 19.94 -41.21 -2.81
CA MET D 50 19.70 -41.30 -4.26
C MET D 50 20.98 -40.91 -4.99
N ILE D 51 21.48 -41.81 -5.81
CA ILE D 51 22.57 -41.48 -6.72
C ILE D 51 22.19 -41.89 -8.14
N PRO D 52 22.36 -40.98 -9.11
CA PRO D 52 22.13 -41.33 -10.52
C PRO D 52 22.84 -42.65 -10.83
N ALA D 53 22.10 -43.62 -11.36
CA ALA D 53 22.63 -44.98 -11.49
C ALA D 53 23.97 -45.04 -12.20
N HIS D 54 24.07 -44.34 -13.33
CA HIS D 54 25.28 -44.27 -14.13
C HIS D 54 26.48 -43.62 -13.46
N TYR D 55 26.25 -42.76 -12.46
CA TYR D 55 27.39 -42.13 -11.75
C TYR D 55 28.03 -43.04 -10.70
N LYS D 56 27.25 -43.98 -10.14
CA LYS D 56 27.72 -44.82 -9.03
C LYS D 56 29.09 -45.49 -9.22
N LYS D 57 29.37 -45.99 -10.42
CA LYS D 57 30.65 -46.67 -10.68
C LYS D 57 31.86 -45.74 -10.66
N TYR D 58 31.61 -44.44 -10.73
CA TYR D 58 32.69 -43.44 -10.75
C TYR D 58 32.80 -42.64 -9.46
N LEU D 59 32.08 -43.07 -8.44
CA LEU D 59 32.14 -42.40 -7.13
C LEU D 59 32.59 -43.37 -6.06
N THR D 60 33.42 -42.89 -5.14
CA THR D 60 33.78 -43.70 -3.97
C THR D 60 32.77 -43.58 -2.80
N LYS D 61 32.28 -42.37 -2.52
CA LYS D 61 31.34 -42.14 -1.40
C LYS D 61 30.69 -40.78 -1.45
N VAL D 62 29.60 -40.63 -0.71
CA VAL D 62 29.02 -39.31 -0.44
C VAL D 62 29.85 -38.74 0.68
N LEU D 63 30.40 -37.56 0.47
CA LEU D 63 31.11 -36.89 1.56
C LEU D 63 30.10 -36.04 2.34
N VAL D 64 29.34 -35.23 1.62
CA VAL D 64 28.36 -34.38 2.23
C VAL D 64 27.08 -34.44 1.42
N PRO D 65 25.99 -34.93 2.04
CA PRO D 65 24.69 -35.05 1.38
C PRO D 65 24.11 -33.70 1.02
N ASN D 66 23.34 -33.66 -0.07
CA ASN D 66 22.67 -32.46 -0.54
C ASN D 66 21.98 -31.64 0.58
N GLY D 67 21.24 -32.31 1.46
CA GLY D 67 20.49 -31.61 2.53
C GLY D 67 21.32 -30.89 3.58
N VAL D 68 22.42 -31.50 4.01
CA VAL D 68 23.37 -30.86 4.94
C VAL D 68 23.91 -29.57 4.33
N ILE D 69 24.30 -29.63 3.06
CA ILE D 69 24.80 -28.47 2.31
C ILE D 69 23.80 -27.34 2.37
N LYS D 70 22.55 -27.66 1.99
CA LYS D 70 21.47 -26.70 2.01
C LYS D 70 21.20 -26.10 3.40
N ASN D 71 21.10 -26.95 4.44
CA ASN D 71 20.89 -26.44 5.81
C ASN D 71 22.01 -25.53 6.28
N ARG D 72 23.24 -25.91 5.94
CA ARG D 72 24.45 -25.14 6.26
C ARG D 72 24.45 -23.76 5.55
N ILE D 73 24.10 -23.78 4.26
CA ILE D 73 23.98 -22.56 3.46
C ILE D 73 22.96 -21.60 4.06
N GLU D 74 21.84 -22.14 4.54
CA GLU D 74 20.84 -21.30 5.21
C GLU D 74 21.43 -20.58 6.42
N LYS D 75 22.25 -21.29 7.20
CA LYS D 75 22.90 -20.70 8.37
C LYS D 75 23.92 -19.67 7.92
N LEU D 76 24.70 -20.04 6.91
CA LEU D 76 25.56 -19.08 6.19
C LEU D 76 24.86 -17.77 5.82
N ALA D 77 23.67 -17.87 5.21
CA ALA D 77 22.90 -16.67 4.83
C ALA D 77 22.51 -15.85 6.05
N TYR D 78 22.14 -16.54 7.13
CA TYR D 78 21.82 -15.84 8.39
C TYR D 78 23.05 -15.09 8.93
N ASP D 79 24.19 -15.77 8.95
CA ASP D 79 25.44 -15.10 9.35
C ASP D 79 25.66 -13.84 8.52
N ILE D 80 25.44 -13.93 7.22
CA ILE D 80 25.64 -12.82 6.31
C ILE D 80 24.69 -11.64 6.59
N LYS D 81 23.41 -11.94 6.76
CA LYS D 81 22.41 -10.91 7.02
C LYS D 81 22.72 -10.20 8.35
N LYS D 82 23.08 -10.99 9.37
CA LYS D 82 23.48 -10.47 10.68
C LYS D 82 24.67 -9.49 10.58
N VAL D 83 25.67 -9.79 9.75
CA VAL D 83 26.76 -8.81 9.54
C VAL D 83 26.35 -7.55 8.77
N TYR D 84 25.73 -7.74 7.61
CA TYR D 84 25.41 -6.61 6.76
C TYR D 84 24.25 -5.75 7.26
N ASN D 85 23.39 -6.34 8.09
CA ASN D 85 22.15 -5.70 8.53
C ASN D 85 21.40 -5.23 7.28
N ASN D 86 21.23 -3.92 7.13
CA ASN D 86 20.55 -3.38 5.95
C ASN D 86 21.47 -2.66 4.95
N GLU D 87 22.76 -2.84 5.11
CA GLU D 87 23.73 -2.27 4.18
C GLU D 87 23.63 -2.94 2.82
N GLU D 88 23.40 -2.13 1.79
CA GLU D 88 23.44 -2.60 0.41
C GLU D 88 24.81 -3.25 0.15
N PHE D 89 24.76 -4.46 -0.37
CA PHE D 89 25.97 -5.12 -0.85
C PHE D 89 25.71 -5.84 -2.15
N HIS D 90 26.77 -6.21 -2.84
CA HIS D 90 26.64 -6.82 -4.15
C HIS D 90 27.32 -8.15 -4.16
N ILE D 91 26.59 -9.16 -4.63
CA ILE D 91 27.02 -10.54 -4.56
C ILE D 91 27.60 -11.00 -5.90
N LEU D 92 28.82 -11.51 -5.84
CA LEU D 92 29.55 -11.91 -7.03
C LEU D 92 29.62 -13.41 -7.13
N CYS D 93 28.92 -14.01 -8.08
CA CYS D 93 28.95 -15.48 -8.30
C CYS D 93 30.07 -15.87 -9.22
N LEU D 94 30.97 -16.75 -8.74
CA LEU D 94 32.10 -17.19 -9.54
C LEU D 94 31.77 -18.47 -10.29
N LEU D 95 31.43 -18.29 -11.56
CA LEU D 95 30.96 -19.35 -12.43
C LEU D 95 32.11 -20.27 -12.86
N LYS D 96 31.83 -21.52 -13.21
CA LYS D 96 30.49 -22.15 -13.19
C LYS D 96 30.18 -22.78 -11.83
N GLY D 97 31.23 -23.08 -11.08
CA GLY D 97 31.15 -24.05 -9.97
C GLY D 97 30.33 -23.62 -8.79
N SER D 98 30.22 -22.32 -8.60
CA SER D 98 29.51 -21.68 -7.52
C SER D 98 27.99 -21.63 -7.71
N ARG D 99 27.50 -22.01 -8.87
CA ARG D 99 26.08 -21.84 -9.18
C ARG D 99 25.17 -22.39 -8.09
N GLY D 100 25.33 -23.68 -7.78
CA GLY D 100 24.54 -24.32 -6.72
C GLY D 100 24.51 -23.52 -5.42
N PHE D 101 25.69 -23.23 -4.89
CA PHE D 101 25.88 -22.43 -3.67
C PHE D 101 25.22 -21.06 -3.77
N PHE D 102 25.52 -20.36 -4.85
CA PHE D 102 24.98 -19.03 -5.11
C PHE D 102 23.45 -19.00 -5.07
N THR D 103 22.79 -19.94 -5.74
CA THR D 103 21.33 -19.83 -5.79
C THR D 103 20.67 -20.13 -4.44
N ALA D 104 21.19 -21.14 -3.74
CA ALA D 104 20.71 -21.46 -2.39
C ALA D 104 20.90 -20.29 -1.44
N LEU D 105 22.03 -19.58 -1.56
CA LEU D 105 22.36 -18.44 -0.72
C LEU D 105 21.41 -17.29 -0.96
N LEU D 106 21.18 -16.96 -2.23
CA LEU D 106 20.19 -15.95 -2.59
C LEU D 106 18.80 -16.27 -2.08
N LYS D 107 18.35 -17.50 -2.28
CA LYS D 107 17.08 -17.96 -1.73
C LYS D 107 16.96 -17.62 -0.23
N HIS D 108 17.97 -18.00 0.57
CA HIS D 108 17.86 -17.85 2.02
C HIS D 108 18.07 -16.40 2.47
N LEU D 109 19.00 -15.70 1.82
CA LEU D 109 19.20 -14.27 2.09
C LEU D 109 17.94 -13.45 1.88
N SER D 110 17.29 -13.63 0.73
CA SER D 110 16.04 -12.94 0.42
C SER D 110 14.94 -13.27 1.40
N ARG D 111 14.73 -14.54 1.66
CA ARG D 111 13.71 -14.92 2.65
C ARG D 111 13.94 -14.30 4.03
N ILE D 112 15.14 -14.49 4.58
CA ILE D 112 15.51 -13.89 5.87
C ILE D 112 15.35 -12.37 5.83
N HIS D 113 15.82 -11.74 4.76
CA HIS D 113 15.70 -10.28 4.64
C HIS D 113 14.24 -9.79 4.44
N ASN D 114 13.48 -10.49 3.61
CA ASN D 114 12.13 -10.03 3.29
C ASN D 114 11.06 -10.41 4.32
N TYR D 115 11.42 -11.28 5.27
CA TYR D 115 10.56 -11.52 6.44
C TYR D 115 10.59 -10.32 7.39
N SER D 116 11.79 -9.87 7.75
CA SER D 116 11.95 -8.79 8.72
C SER D 116 11.76 -7.40 8.11
N ALA D 117 11.45 -7.31 6.83
CA ALA D 117 11.38 -6.02 6.14
C ALA D 117 10.11 -5.21 6.44
N VAL D 118 10.27 -3.89 6.52
CA VAL D 118 9.17 -2.95 6.76
C VAL D 118 9.00 -2.06 5.52
N GLU D 119 7.91 -1.28 5.46
CA GLU D 119 7.65 -0.33 4.36
C GLU D 119 8.86 0.59 4.13
N THR D 120 9.65 0.77 5.20
CA THR D 120 10.82 1.65 5.25
C THR D 120 12.10 0.99 4.74
N SER D 121 12.12 -0.34 4.65
CA SER D 121 13.27 -1.08 4.17
C SER D 121 13.66 -0.77 2.71
N LYS D 122 14.82 -1.30 2.32
CA LYS D 122 15.31 -1.27 0.94
C LYS D 122 15.77 -2.68 0.60
N PRO D 123 15.96 -2.99 -0.70
CA PRO D 123 16.53 -4.29 -1.05
C PRO D 123 17.93 -4.45 -0.42
N LEU D 124 18.38 -5.69 -0.31
CA LEU D 124 19.62 -5.95 0.39
C LEU D 124 20.80 -5.98 -0.56
N PHE D 125 20.65 -6.68 -1.69
CA PHE D 125 21.77 -6.99 -2.54
C PHE D 125 21.55 -6.77 -4.05
N GLY D 126 22.66 -6.51 -4.74
CA GLY D 126 22.71 -6.62 -6.18
C GLY D 126 23.37 -7.96 -6.49
N GLU D 127 23.31 -8.39 -7.74
CA GLU D 127 23.86 -9.70 -8.12
C GLU D 127 24.66 -9.65 -9.41
N HIS D 128 25.87 -10.18 -9.38
CA HIS D 128 26.76 -10.11 -10.55
C HIS D 128 27.42 -11.45 -10.81
N TYR D 129 27.88 -11.66 -12.04
CA TYR D 129 28.44 -12.96 -12.46
C TYR D 129 29.78 -12.80 -13.15
N VAL D 130 30.77 -13.57 -12.69
CA VAL D 130 32.07 -13.56 -13.33
C VAL D 130 32.47 -15.01 -13.65
N ARG D 131 32.85 -15.32 -14.88
CA ARG D 131 33.33 -16.67 -15.13
C ARG D 131 34.84 -16.69 -14.93
N VAL D 132 35.30 -17.66 -14.14
CA VAL D 132 36.70 -17.82 -13.81
C VAL D 132 37.07 -19.30 -13.97
N LYS D 133 38.28 -19.56 -14.44
CA LYS D 133 38.65 -20.93 -14.83
C LYS D 133 40.17 -21.20 -14.71
N SER D 134 40.51 -22.31 -14.08
CA SER D 134 41.93 -22.66 -13.89
C SER D 134 42.27 -24.17 -13.85
N TYR D 135 41.29 -25.04 -13.62
CA TYR D 135 41.60 -26.47 -13.50
C TYR D 135 41.59 -27.26 -14.77
N CYS D 136 42.34 -28.36 -14.75
CA CYS D 136 42.30 -29.34 -15.81
C CYS D 136 42.43 -30.69 -15.09
N ASN D 137 41.45 -31.56 -15.28
CA ASN D 137 41.26 -32.71 -14.42
C ASN D 137 41.15 -32.23 -12.98
N ASP D 138 41.94 -32.84 -12.08
CA ASP D 138 41.86 -32.56 -10.64
C ASP D 138 42.95 -31.60 -10.13
N GLN D 139 43.61 -30.91 -11.05
CA GLN D 139 44.79 -30.11 -10.74
C GLN D 139 44.65 -28.73 -11.33
N SER D 140 45.09 -27.74 -10.55
CA SER D 140 45.14 -26.36 -11.01
C SER D 140 46.23 -26.19 -12.04
N THR D 141 45.95 -25.46 -13.11
CA THR D 141 46.97 -25.13 -14.11
C THR D 141 47.82 -23.92 -13.70
N GLY D 142 47.46 -23.28 -12.58
CA GLY D 142 48.22 -22.15 -12.06
C GLY D 142 48.04 -20.90 -12.91
N THR D 143 47.00 -20.91 -13.74
CA THR D 143 46.63 -19.81 -14.62
C THR D 143 45.14 -19.58 -14.44
N LEU D 144 44.75 -18.33 -14.19
CA LEU D 144 43.34 -18.02 -14.07
C LEU D 144 42.85 -17.23 -15.27
N GLU D 145 41.82 -17.74 -15.93
CA GLU D 145 41.17 -16.99 -16.98
C GLU D 145 39.89 -16.40 -16.46
N ILE D 146 39.71 -15.10 -16.72
CA ILE D 146 38.61 -14.32 -16.20
C ILE D 146 37.79 -13.77 -17.36
N VAL D 147 36.49 -14.07 -17.37
CA VAL D 147 35.51 -13.51 -18.30
C VAL D 147 34.45 -12.68 -17.55
N SER D 148 34.60 -11.37 -17.57
CA SER D 148 33.58 -10.52 -16.95
C SER D 148 33.30 -9.19 -17.64
N GLU D 149 32.04 -8.78 -17.53
CA GLU D 149 31.57 -7.43 -17.91
C GLU D 149 32.30 -6.37 -17.10
N ASP D 150 32.00 -5.11 -17.39
CA ASP D 150 32.51 -4.00 -16.61
C ASP D 150 32.00 -4.12 -15.19
N LEU D 151 32.93 -4.17 -14.24
CA LEU D 151 32.57 -4.22 -12.83
C LEU D 151 32.69 -2.85 -12.18
N SER D 152 32.76 -1.82 -13.02
CA SER D 152 32.93 -0.47 -12.52
C SER D 152 31.68 -0.06 -11.77
N CYS D 153 30.58 -0.79 -11.98
CA CYS D 153 29.34 -0.58 -11.25
C CYS D 153 29.53 -0.91 -9.76
N LEU D 154 30.60 -1.63 -9.46
CA LEU D 154 30.98 -1.98 -8.09
C LEU D 154 31.77 -0.91 -7.32
N LYS D 155 32.15 0.17 -8.02
CA LYS D 155 32.90 1.24 -7.37
C LYS D 155 32.16 1.75 -6.14
N GLY D 156 32.87 1.81 -5.01
CA GLY D 156 32.30 2.30 -3.75
C GLY D 156 31.26 1.38 -3.12
N LYS D 157 31.16 0.15 -3.62
CA LYS D 157 30.22 -0.85 -3.08
C LYS D 157 30.86 -1.89 -2.16
N HIS D 158 30.04 -2.42 -1.25
CA HIS D 158 30.38 -3.61 -0.49
C HIS D 158 30.17 -4.76 -1.44
N VAL D 159 31.21 -5.56 -1.61
CA VAL D 159 31.17 -6.73 -2.48
C VAL D 159 31.39 -8.02 -1.69
N LEU D 160 30.47 -8.97 -1.89
CA LEU D 160 30.62 -10.33 -1.35
C LEU D 160 30.87 -11.34 -2.47
N ILE D 161 32.06 -11.90 -2.48
CA ILE D 161 32.41 -12.93 -3.45
C ILE D 161 31.90 -14.26 -2.97
N VAL D 162 31.25 -15.01 -3.87
CA VAL D 162 30.69 -16.33 -3.55
C VAL D 162 31.45 -17.39 -4.36
N GLU D 163 32.22 -18.19 -3.63
CA GLU D 163 33.04 -19.22 -4.24
C GLU D 163 32.58 -20.57 -3.72
N ASP D 164 32.64 -21.60 -4.57
CA ASP D 164 32.28 -22.96 -4.14
C ASP D 164 33.36 -23.66 -3.29
N ILE D 165 34.62 -23.51 -3.65
CA ILE D 165 35.68 -24.18 -2.93
C ILE D 165 36.98 -23.42 -3.05
N ILE D 166 37.65 -23.24 -1.90
CA ILE D 166 39.04 -22.77 -1.80
C ILE D 166 39.88 -23.99 -1.55
N ASP D 167 40.90 -24.15 -2.37
CA ASP D 167 41.71 -25.37 -2.48
C ASP D 167 43.19 -24.96 -2.50
N THR D 168 43.70 -24.49 -3.65
CA THR D 168 45.05 -23.91 -3.66
C THR D 168 45.04 -22.52 -3.09
N GLY D 169 43.91 -21.84 -3.25
CA GLY D 169 43.82 -20.42 -2.89
C GLY D 169 44.18 -19.51 -4.07
N LYS D 170 44.60 -20.12 -5.18
CA LYS D 170 45.04 -19.36 -6.36
C LYS D 170 43.96 -18.49 -6.99
N THR D 171 42.74 -19.06 -7.10
CA THR D 171 41.63 -18.37 -7.75
C THR D 171 41.34 -17.06 -7.00
N LEU D 172 41.20 -17.14 -5.68
CA LEU D 172 40.83 -15.97 -4.90
C LEU D 172 41.91 -14.90 -4.79
N VAL D 173 43.16 -15.33 -4.67
CA VAL D 173 44.30 -14.41 -4.62
C VAL D 173 44.36 -13.58 -5.89
N LYS D 174 44.36 -14.27 -7.02
CA LYS D 174 44.37 -13.63 -8.32
C LYS D 174 43.11 -12.82 -8.55
N PHE D 175 41.93 -13.36 -8.21
CA PHE D 175 40.71 -12.59 -8.45
C PHE D 175 40.66 -11.32 -7.61
N CYS D 176 41.11 -11.40 -6.36
CA CYS D 176 41.04 -10.22 -5.49
C CYS D 176 42.03 -9.14 -5.94
N GLU D 177 43.10 -9.56 -6.62
CA GLU D 177 44.04 -8.64 -7.26
C GLU D 177 43.33 -7.91 -8.39
N TYR D 178 42.78 -8.69 -9.32
CA TYR D 178 41.98 -8.16 -10.43
C TYR D 178 40.96 -7.12 -9.95
N LEU D 179 40.28 -7.40 -8.84
CA LEU D 179 39.24 -6.51 -8.31
C LEU D 179 39.72 -5.13 -7.85
N LYS D 180 40.99 -5.02 -7.47
CA LYS D 180 41.54 -3.78 -6.93
C LYS D 180 41.35 -2.59 -7.86
N LYS D 181 41.34 -2.85 -9.16
CA LYS D 181 41.22 -1.79 -10.15
C LYS D 181 39.83 -1.14 -10.18
N PHE D 182 38.84 -1.79 -9.58
CA PHE D 182 37.48 -1.25 -9.63
C PHE D 182 37.11 -0.32 -8.49
N GLU D 183 38.02 -0.13 -7.54
CA GLU D 183 37.82 0.80 -6.40
C GLU D 183 36.57 0.43 -5.58
N ILE D 184 36.49 -0.85 -5.25
CA ILE D 184 35.43 -1.40 -4.40
C ILE D 184 35.59 -0.89 -2.97
N LYS D 185 34.49 -0.69 -2.26
CA LYS D 185 34.55 -0.24 -0.87
C LYS D 185 35.05 -1.34 0.06
N THR D 186 34.39 -2.51 0.01
CA THR D 186 34.84 -3.68 0.80
CA THR D 186 34.85 -3.68 0.79
C THR D 186 34.76 -4.94 -0.03
N VAL D 187 35.66 -5.88 0.25
CA VAL D 187 35.60 -7.19 -0.35
C VAL D 187 35.55 -8.26 0.73
N ALA D 188 34.40 -8.92 0.84
CA ALA D 188 34.25 -10.05 1.75
C ALA D 188 34.16 -11.33 0.92
N ILE D 189 34.48 -12.48 1.53
CA ILE D 189 34.45 -13.78 0.84
C ILE D 189 33.56 -14.81 1.53
N ALA D 190 32.59 -15.36 0.80
CA ALA D 190 31.86 -16.57 1.22
C ALA D 190 32.29 -17.79 0.39
N CYS D 191 32.59 -18.87 1.10
CA CYS D 191 32.99 -20.10 0.49
C CYS D 191 32.26 -21.29 1.15
N LEU D 192 31.85 -22.24 0.32
CA LEU D 192 31.08 -23.37 0.82
C LEU D 192 32.00 -24.43 1.39
N PHE D 193 33.03 -24.80 0.62
CA PHE D 193 34.05 -25.75 1.07
C PHE D 193 35.43 -25.16 1.15
N ILE D 194 36.17 -25.54 2.19
CA ILE D 194 37.60 -25.29 2.19
C ILE D 194 38.35 -26.61 2.37
N LYS D 195 39.31 -26.87 1.50
CA LYS D 195 40.01 -28.13 1.48
C LYS D 195 41.28 -28.11 2.36
N ARG D 196 41.41 -29.05 3.28
CA ARG D 196 42.64 -29.21 4.06
C ARG D 196 43.73 -29.86 3.20
N THR D 197 44.36 -29.04 2.37
CA THR D 197 45.42 -29.50 1.49
C THR D 197 46.74 -28.78 1.80
N PRO D 198 47.87 -29.50 1.68
CA PRO D 198 49.11 -28.75 1.91
C PRO D 198 49.42 -27.74 0.79
N LEU D 199 48.67 -27.76 -0.32
CA LEU D 199 48.86 -26.79 -1.40
C LEU D 199 48.31 -25.40 -1.07
N TRP D 200 47.39 -25.35 -0.10
CA TRP D 200 46.67 -24.11 0.26
C TRP D 200 47.61 -22.99 0.61
N ASN D 201 47.46 -21.86 -0.07
CA ASN D 201 48.29 -20.66 0.15
C ASN D 201 47.87 -19.79 1.33
N GLY D 202 46.94 -20.26 2.16
CA GLY D 202 46.55 -19.45 3.32
C GLY D 202 45.37 -18.51 3.15
N PHE D 203 44.82 -18.41 1.94
CA PHE D 203 43.68 -17.53 1.70
C PHE D 203 42.40 -18.02 2.41
N LYS D 204 41.88 -17.20 3.32
CA LYS D 204 40.71 -17.54 4.13
C LYS D 204 39.47 -16.74 3.76
N ALA D 205 38.31 -17.40 3.88
CA ALA D 205 37.03 -16.78 3.59
C ALA D 205 36.49 -16.18 4.85
N ASP D 206 35.53 -15.29 4.71
CA ASP D 206 34.93 -14.67 5.89
C ASP D 206 33.71 -15.44 6.38
N PHE D 207 32.98 -16.04 5.45
CA PHE D 207 31.88 -16.95 5.81
C PHE D 207 32.18 -18.28 5.12
N VAL D 208 32.18 -19.37 5.89
CA VAL D 208 32.69 -20.62 5.37
C VAL D 208 31.84 -21.82 5.78
N GLY D 209 31.48 -22.65 4.80
CA GLY D 209 30.51 -23.72 5.02
C GLY D 209 31.10 -24.91 5.73
N PHE D 210 31.92 -25.67 4.97
CA PHE D 210 32.54 -26.93 5.41
C PHE D 210 34.06 -26.92 5.20
N SER D 211 34.79 -27.37 6.21
CA SER D 211 36.18 -27.73 6.02
C SER D 211 36.20 -29.23 5.66
N ILE D 212 36.91 -29.59 4.60
CA ILE D 212 36.84 -30.95 4.08
C ILE D 212 38.24 -31.55 3.87
N PRO D 213 38.36 -32.90 3.85
CA PRO D 213 39.69 -33.50 3.62
C PRO D 213 40.21 -33.36 2.19
N ASP D 214 41.46 -33.77 2.01
CA ASP D 214 42.20 -33.63 0.74
C ASP D 214 41.79 -34.70 -0.25
N HIS D 215 40.58 -34.56 -0.80
CA HIS D 215 40.15 -35.41 -1.91
C HIS D 215 39.41 -34.56 -2.92
N PHE D 216 39.53 -34.93 -4.19
CA PHE D 216 38.85 -34.20 -5.24
C PHE D 216 37.34 -34.48 -5.15
N VAL D 217 36.55 -33.45 -4.86
CA VAL D 217 35.10 -33.63 -4.73
C VAL D 217 34.35 -33.23 -6.01
N VAL D 218 33.17 -33.82 -6.21
CA VAL D 218 32.29 -33.52 -7.33
C VAL D 218 30.87 -33.47 -6.83
N GLY D 219 29.99 -32.81 -7.58
CA GLY D 219 28.60 -32.67 -7.17
C GLY D 219 28.37 -31.26 -6.64
N TYR D 220 27.10 -30.90 -6.53
CA TYR D 220 26.64 -29.56 -6.14
C TYR D 220 27.29 -28.44 -6.97
N SER D 221 27.32 -28.68 -8.29
CA SER D 221 27.88 -27.74 -9.28
C SER D 221 29.37 -27.89 -9.51
N LEU D 222 30.06 -28.66 -8.65
CA LEU D 222 31.47 -28.97 -8.83
C LEU D 222 31.68 -30.11 -9.82
N ASP D 223 32.61 -29.91 -10.75
CA ASP D 223 32.82 -30.86 -11.82
C ASP D 223 34.19 -31.51 -11.79
N TYR D 224 34.31 -32.64 -12.48
CA TYR D 224 35.59 -33.12 -12.98
C TYR D 224 35.46 -33.13 -14.50
N ASN D 225 36.11 -32.18 -15.18
CA ASN D 225 36.00 -31.97 -16.64
C ASN D 225 34.56 -31.87 -17.18
N GLU D 226 33.78 -30.95 -16.61
CA GLU D 226 32.35 -30.72 -16.89
C GLU D 226 31.38 -31.82 -16.51
N ILE D 227 31.89 -32.92 -15.96
CA ILE D 227 31.05 -34.04 -15.51
C ILE D 227 30.73 -33.89 -14.02
N PHE D 228 29.52 -34.29 -13.63
CA PHE D 228 29.12 -34.41 -12.20
C PHE D 228 28.47 -33.18 -11.60
N ARG D 229 28.35 -32.08 -12.34
CA ARG D 229 27.75 -30.86 -11.78
C ARG D 229 26.31 -31.08 -11.29
N ASP D 230 25.59 -32.01 -11.94
CA ASP D 230 24.17 -32.24 -11.66
C ASP D 230 24.00 -33.22 -10.51
N LEU D 231 25.10 -33.79 -10.04
CA LEU D 231 25.05 -34.71 -8.91
C LEU D 231 24.72 -33.90 -7.66
N ASP D 232 23.69 -34.32 -6.95
CA ASP D 232 23.11 -33.53 -5.87
C ASP D 232 24.00 -33.51 -4.61
N HIS D 233 24.69 -34.61 -4.35
CA HIS D 233 25.51 -34.70 -3.15
C HIS D 233 26.96 -34.42 -3.45
N CYS D 234 27.69 -33.90 -2.46
CA CYS D 234 29.12 -33.70 -2.60
C CYS D 234 29.75 -35.05 -2.36
N CYS D 235 30.38 -35.57 -3.41
CA CYS D 235 30.93 -36.91 -3.44
C CYS D 235 32.38 -36.87 -3.86
N LEU D 236 33.10 -37.98 -3.61
CA LEU D 236 34.47 -38.16 -4.06
C LEU D 236 34.48 -38.97 -5.36
N VAL D 237 35.10 -38.43 -6.42
CA VAL D 237 35.32 -39.21 -7.64
C VAL D 237 36.35 -40.25 -7.36
N ASN D 238 36.08 -41.49 -7.75
CA ASN D 238 37.11 -42.51 -7.68
C ASN D 238 38.12 -42.37 -8.82
N ASP D 239 39.10 -43.26 -8.85
CA ASP D 239 40.14 -43.22 -9.84
C ASP D 239 39.62 -43.66 -11.21
N GLU D 240 38.61 -44.55 -11.21
CA GLU D 240 37.88 -44.95 -12.43
C GLU D 240 37.21 -43.80 -13.17
N GLY D 241 36.65 -42.85 -12.42
CA GLY D 241 36.03 -41.68 -13.01
C GLY D 241 37.06 -40.68 -13.49
N LYS D 242 38.12 -40.51 -12.71
CA LYS D 242 39.26 -39.67 -13.10
C LYS D 242 39.86 -40.12 -14.44
N LYS D 243 39.94 -41.44 -14.63
CA LYS D 243 40.43 -42.01 -15.87
C LYS D 243 39.40 -41.91 -16.99
N LYS D 244 38.20 -42.46 -16.76
CA LYS D 244 37.14 -42.44 -17.76
C LYS D 244 36.95 -41.04 -18.35
N TYR D 245 36.95 -40.01 -17.49
CA TYR D 245 36.68 -38.65 -17.95
C TYR D 245 37.94 -37.76 -18.00
N LYS D 246 39.10 -38.40 -18.13
CA LYS D 246 40.40 -37.71 -18.32
C LYS D 246 40.35 -36.78 -19.54
N ALA D 247 40.90 -35.58 -19.40
CA ALA D 247 40.84 -34.54 -20.43
C ALA D 247 41.74 -34.85 -21.62
P SSI E . -8.17 18.01 -12.50
N1 SSI E . -16.00 19.66 -17.16
C2 SSI E . -15.69 20.92 -16.86
N3 SSI E . -14.55 21.28 -16.29
C4 SSI E . -13.66 20.30 -15.99
C5 SSI E . -13.91 18.89 -16.28
C6 SSI E . -15.21 18.60 -16.92
O6 SSI E . -15.55 17.40 -17.23
N7 SSI E . -12.84 18.20 -15.86
C8 SSI E . -11.90 19.06 -15.34
C9 SSI E . -12.32 20.39 -15.37
C1' SSI E . -11.58 21.64 -14.92
O1P SSI E . -6.99 18.96 -12.32
O2P SSI E . -8.18 16.83 -11.58
C3' SSI E . -10.93 21.74 -11.18
O3' SSI E . -12.01 22.66 -10.93
O3P SSI E . -8.49 17.62 -13.92
C4' SSI E . -11.14 20.97 -12.49
N4' SSI E . -11.56 21.93 -13.50
C5' SSI E . -9.83 20.24 -12.86
C6' SSI E . -9.61 19.01 -11.98
P1 POP F . -12.35 26.98 -13.69
O1 POP F . -12.80 26.10 -12.52
O2 POP F . -13.31 26.83 -14.83
O3 POP F . -12.35 28.46 -13.29
O POP F . -10.82 26.63 -14.03
P2 POP F . -10.37 25.21 -14.67
O4 POP F . -9.08 25.49 -15.43
O5 POP F . -11.54 24.84 -15.53
O6 POP F . -10.14 24.16 -13.62
MG MG G . -13.20 25.43 -16.24
MG MG H . -16.63 42.38 6.19
P SSI I . -17.29 51.08 2.15
N1 SSI I . -22.05 45.69 7.82
C2 SSI I . -21.16 44.72 7.42
N3 SSI I . -20.10 44.97 6.63
C4 SSI I . -19.94 46.24 6.20
C5 SSI I . -20.85 47.34 6.56
C6 SSI I . -21.98 46.97 7.44
O6 SSI I . -22.83 47.84 7.84
N7 SSI I . -20.39 48.46 5.98
C8 SSI I . -19.26 48.17 5.25
C9 SSI I . -18.91 46.82 5.34
C1' SSI I . -17.72 46.08 4.75
O1P SSI I . -17.56 51.45 3.56
O2P SSI I . -18.12 51.83 1.15
C3' SSI I . -17.56 46.58 0.99
O3' SSI I . -18.12 45.27 0.81
O3P SSI I . -15.81 51.04 1.78
C4' SSI I . -17.95 47.03 2.41
N4' SSI I . -17.63 45.96 3.32
C5' SSI I . -17.23 48.34 2.74
C6' SSI I . -17.89 49.40 1.87
P1 POP J . -14.61 43.95 4.08
O1 POP J . -15.68 43.93 5.11
O2 POP J . -15.04 44.92 3.00
O3 POP J . -13.24 44.27 4.65
O POP J . -14.34 42.46 3.50
P2 POP J . -15.48 41.38 3.37
O4 POP J . -14.78 40.07 2.99
O5 POP J . -16.42 41.74 2.26
O6 POP J . -16.21 41.15 4.66
P SSI K . 8.88 -47.70 21.41
N1 SSI K . 12.57 -39.24 21.26
C2 SSI K . 11.25 -38.88 21.22
N3 SSI K . 10.26 -39.80 21.32
C4 SSI K . 10.62 -41.11 21.48
C5 SSI K . 12.01 -41.56 21.55
C6 SSI K . 13.01 -40.51 21.42
O6 SSI K . 14.24 -40.78 21.47
N7 SSI K . 12.00 -42.90 21.73
C8 SSI K . 10.73 -43.36 21.79
C9 SSI K . 9.81 -42.33 21.64
C1' SSI K . 8.31 -42.45 21.70
O1P SSI K . 7.48 -48.09 21.85
O2P SSI K . 9.67 -47.08 22.55
C3' SSI K . 6.51 -44.33 19.05
O3' SSI K . 6.57 -43.36 18.03
O3P SSI K . 9.72 -48.72 20.67
C4' SSI K . 7.80 -44.07 19.84
N4' SSI K . 7.70 -42.75 20.44
C5' SSI K . 8.00 -45.17 20.87
C6' SSI K . 8.59 -46.40 20.20
P1 POP L . 3.78 -39.55 19.96
O1 POP L . 4.72 -38.46 20.34
O2 POP L . 4.35 -40.29 18.76
O3 POP L . 2.44 -38.98 19.66
O POP L . 3.46 -40.55 21.17
P2 POP L . 4.55 -41.30 22.05
O4 POP L . 4.81 -42.63 21.33
O5 POP L . 5.81 -40.45 22.10
O6 POP L . 3.99 -41.60 23.42
MG MG M . 6.41 -38.48 21.94
P SSI N . 41.66 -22.80 -5.98
N1 SSI N . 36.52 -30.45 -6.83
C2 SSI N . 36.03 -29.84 -7.94
N3 SSI N . 36.54 -28.68 -8.43
C4 SSI N . 37.59 -28.13 -7.75
C5 SSI N . 38.17 -28.74 -6.55
C6 SSI N . 37.55 -30.01 -6.10
O6 SSI N . 37.95 -30.63 -5.08
N7 SSI N . 39.17 -27.93 -6.14
C8 SSI N . 39.29 -26.86 -6.97
C9 SSI N . 38.33 -26.87 -8.00
C1' SSI N . 38.15 -25.89 -9.13
O1P SSI N . 42.08 -21.80 -7.03
O2P SSI N . 41.74 -22.19 -4.62
C3' SSI N . 37.29 -22.41 -7.84
O3' SSI N . 36.01 -22.62 -8.44
O3P SSI N . 42.25 -24.19 -6.13
C4' SSI N . 37.97 -23.76 -7.70
N4' SSI N . 37.57 -24.59 -8.82
C5' SSI N . 39.49 -23.50 -7.65
C6' SSI N . 39.87 -23.10 -6.22
P1 POP O . 34.55 -24.19 -13.00
O1 POP O . 34.03 -23.58 -11.73
O2 POP O . 34.40 -25.73 -12.98
O3 POP O . 33.78 -23.68 -14.21
O POP O . 36.08 -23.75 -13.22
P2 POP O . 37.40 -24.32 -12.47
O4 POP O . 37.66 -23.37 -11.31
O5 POP O . 38.57 -24.28 -13.42
O6 POP O . 37.27 -25.76 -12.07
MG MG P . 35.57 -26.75 -12.17
#